data_5W3K
#
_entry.id   5W3K
#
_cell.length_a   63.941
_cell.length_b   80.773
_cell.length_c   66.748
_cell.angle_alpha   90.00
_cell.angle_beta   92.49
_cell.angle_gamma   90.00
#
_symmetry.space_group_name_H-M   'P 1 21 1'
#
loop_
_entity.id
_entity.type
_entity.pdbx_description
1 polymer 'Ketol-acid reductoisomerase (NADP(+))'
2 non-polymer 'cyclopropane-1,1-dicarboxylic acid'
3 non-polymer 'MAGNESIUM ION'
4 non-polymer 'NADPH DIHYDRO-NICOTINAMIDE-ADENINE-DINUCLEOTIDE PHOSPHATE'
5 water water
#
_entity_poly.entity_id   1
_entity_poly.type   'polypeptide(L)'
_entity_poly.pdbx_seq_one_letter_code
;MTTVYYDQDVKTDALQGKKIAVVGYGSQGHAHAQNLKDNGYDVVIGIRPGRSFDKAKEDGFDVFPVAEAVKQADVIMVLL
PDEIQGDVYKNEIEPNLEKHNALAFAHGFNIHFGVIQPPADVDVFLVAPKGPGHLVRRTFVEGSAVPSLFGIQQDASGQA
RNIALSYAKGIGATRAGVIETTFKEETETDLFGEQAVLCGGVSKLIQSGFETLVEAGYQPELAYFEVLHEMKLIVDLMYE
GGMENVRYSISNTAEFGDYVSGPRVITPDVKENMKAVLTDIQNGNFSNRFIEDNKNGFKEFYKLREEQHGHQIEKVGREL
REMMPFIKSKSIEKHHHHHH
;
_entity_poly.pdbx_strand_id   A,B
#
loop_
_chem_comp.id
_chem_comp.type
_chem_comp.name
_chem_comp.formula
9TY non-polymer 'cyclopropane-1,1-dicarboxylic acid' 'C5 H6 O4'
MG non-polymer 'MAGNESIUM ION' 'Mg 2'
NDP non-polymer 'NADPH DIHYDRO-NICOTINAMIDE-ADENINE-DINUCLEOTIDE PHOSPHATE' 'C21 H30 N7 O17 P3'
#
# COMPACT_ATOMS: atom_id res chain seq x y z
N THR A 2 -21.45 -15.48 -1.21
CA THR A 2 -20.54 -15.64 -2.33
C THR A 2 -19.63 -16.85 -2.16
N THR A 3 -19.60 -17.73 -3.16
CA THR A 3 -18.67 -18.85 -3.14
C THR A 3 -17.25 -18.38 -3.47
N VAL A 4 -16.30 -18.70 -2.59
CA VAL A 4 -14.89 -18.47 -2.85
C VAL A 4 -14.19 -19.82 -2.85
N TYR A 5 -13.41 -20.09 -3.89
CA TYR A 5 -12.72 -21.37 -4.05
C TYR A 5 -11.28 -21.26 -3.57
N TYR A 6 -10.88 -22.21 -2.71
CA TYR A 6 -9.51 -22.37 -2.25
C TYR A 6 -8.95 -23.70 -2.75
N ASP A 7 -7.71 -23.98 -2.38
CA ASP A 7 -7.01 -25.15 -2.92
C ASP A 7 -7.84 -26.42 -2.80
N GLN A 8 -8.45 -26.64 -1.62
CA GLN A 8 -9.19 -27.88 -1.38
C GLN A 8 -10.51 -27.94 -2.12
N ASP A 9 -10.99 -26.82 -2.66
CA ASP A 9 -12.27 -26.76 -3.36
C ASP A 9 -12.14 -27.07 -4.84
N VAL A 10 -10.92 -27.24 -5.33
CA VAL A 10 -10.65 -27.61 -6.71
C VAL A 10 -9.98 -28.98 -6.64
N LYS A 11 -10.76 -30.03 -6.86
CA LYS A 11 -10.25 -31.39 -6.70
CA LYS A 11 -10.28 -31.40 -6.70
C LYS A 11 -9.74 -31.96 -8.01
N THR A 12 -10.59 -32.00 -9.04
CA THR A 12 -10.15 -32.45 -10.36
C THR A 12 -8.99 -31.62 -10.88
N ASP A 13 -7.94 -32.29 -11.37
CA ASP A 13 -6.88 -31.60 -12.11
C ASP A 13 -7.26 -31.72 -13.57
N ALA A 14 -8.07 -30.78 -14.04
CA ALA A 14 -8.61 -30.80 -15.41
C ALA A 14 -7.60 -30.30 -16.43
N LEU A 15 -6.43 -29.84 -16.01
CA LEU A 15 -5.36 -29.47 -16.94
C LEU A 15 -4.37 -30.59 -17.17
N GLN A 16 -4.42 -31.67 -16.38
CA GLN A 16 -3.49 -32.77 -16.63
C GLN A 16 -3.63 -33.27 -18.05
N GLY A 17 -2.51 -33.47 -18.72
CA GLY A 17 -2.50 -33.97 -20.07
C GLY A 17 -2.81 -32.94 -21.14
N LYS A 18 -3.03 -31.68 -20.77
CA LYS A 18 -3.27 -30.63 -21.74
C LYS A 18 -2.02 -29.77 -21.92
N LYS A 19 -1.72 -29.44 -23.17
CA LYS A 19 -0.61 -28.53 -23.45
C LYS A 19 -1.17 -27.10 -23.40
N ILE A 20 -0.49 -26.23 -22.67
CA ILE A 20 -0.92 -24.85 -22.48
C ILE A 20 0.03 -23.94 -23.25
N ALA A 21 -0.54 -23.14 -24.14
CA ALA A 21 0.20 -22.07 -24.80
C ALA A 21 -0.11 -20.77 -24.07
N VAL A 22 0.93 -20.16 -23.51
CA VAL A 22 0.82 -18.80 -23.01
C VAL A 22 1.27 -17.92 -24.17
N VAL A 23 0.36 -17.10 -24.67
CA VAL A 23 0.62 -16.24 -25.82
C VAL A 23 0.98 -14.87 -25.27
N GLY A 24 2.22 -14.45 -25.49
CA GLY A 24 2.78 -13.27 -24.86
C GLY A 24 3.62 -13.66 -23.66
N TYR A 25 4.64 -12.85 -23.37
CA TYR A 25 5.54 -13.17 -22.28
C TYR A 25 5.91 -11.88 -21.56
N GLY A 26 4.89 -11.10 -21.20
CA GLY A 26 5.13 -9.86 -20.51
C GLY A 26 4.81 -9.95 -19.03
N SER A 27 4.15 -8.92 -18.50
CA SER A 27 3.91 -8.86 -17.06
CA SER A 27 3.91 -8.86 -17.06
C SER A 27 3.11 -10.07 -16.58
N GLN A 28 1.93 -10.30 -17.16
CA GLN A 28 1.18 -11.50 -16.78
C GLN A 28 1.74 -12.76 -17.42
N GLY A 29 2.16 -12.69 -18.68
CA GLY A 29 2.59 -13.88 -19.40
C GLY A 29 3.70 -14.65 -18.68
N HIS A 30 4.76 -13.95 -18.26
CA HIS A 30 5.86 -14.67 -17.63
C HIS A 30 5.41 -15.28 -16.31
N ALA A 31 4.49 -14.63 -15.61
CA ALA A 31 4.05 -15.12 -14.30
C ALA A 31 3.14 -16.34 -14.45
N HIS A 32 2.15 -16.30 -15.34
CA HIS A 32 1.33 -17.48 -15.57
C HIS A 32 2.18 -18.66 -16.02
N ALA A 33 3.08 -18.43 -16.98
CA ALA A 33 3.89 -19.51 -17.53
C ALA A 33 4.78 -20.14 -16.47
N GLN A 34 5.43 -19.32 -15.63
CA GLN A 34 6.36 -19.85 -14.65
C GLN A 34 5.64 -20.54 -13.52
N ASN A 35 4.50 -19.99 -13.05
CA ASN A 35 3.76 -20.65 -11.98
C ASN A 35 3.24 -22.00 -12.45
N LEU A 36 2.68 -22.05 -13.66
CA LEU A 36 2.16 -23.29 -14.20
C LEU A 36 3.27 -24.32 -14.39
N LYS A 37 4.41 -23.89 -14.92
CA LYS A 37 5.51 -24.83 -15.12
C LYS A 37 6.01 -25.36 -13.79
N ASP A 38 6.15 -24.48 -12.80
CA ASP A 38 6.54 -24.92 -11.46
C ASP A 38 5.57 -25.96 -10.91
N ASN A 39 4.28 -25.85 -11.25
CA ASN A 39 3.27 -26.81 -10.80
C ASN A 39 3.16 -28.03 -11.72
N GLY A 40 4.12 -28.23 -12.62
CA GLY A 40 4.27 -29.47 -13.35
C GLY A 40 3.56 -29.52 -14.69
N TYR A 41 3.00 -28.42 -15.16
CA TYR A 41 2.21 -28.44 -16.39
C TYR A 41 3.10 -28.26 -17.62
N ASP A 42 2.56 -28.67 -18.76
CA ASP A 42 3.27 -28.61 -20.03
C ASP A 42 2.95 -27.27 -20.67
N VAL A 43 3.89 -26.32 -20.58
CA VAL A 43 3.68 -24.95 -21.02
C VAL A 43 4.63 -24.63 -22.15
N VAL A 44 4.09 -24.11 -23.25
CA VAL A 44 4.91 -23.54 -24.31
C VAL A 44 4.51 -22.08 -24.44
N ILE A 45 5.42 -21.28 -24.97
CA ILE A 45 5.20 -19.85 -25.16
C ILE A 45 4.97 -19.56 -26.65
N GLY A 46 3.88 -18.85 -26.96
CA GLY A 46 3.66 -18.34 -28.30
C GLY A 46 4.05 -16.88 -28.34
N ILE A 47 5.10 -16.51 -29.09
CA ILE A 47 5.60 -15.14 -28.99
C ILE A 47 6.33 -14.79 -30.29
N ARG A 48 6.21 -13.54 -30.70
CA ARG A 48 6.96 -13.05 -31.84
C ARG A 48 8.46 -12.94 -31.50
N PRO A 49 9.34 -12.96 -32.51
CA PRO A 49 10.77 -12.77 -32.23
C PRO A 49 11.04 -11.43 -31.58
N GLY A 50 12.05 -11.38 -30.70
CA GLY A 50 12.40 -10.16 -30.03
C GLY A 50 12.80 -10.39 -28.57
N ARG A 51 12.73 -9.32 -27.78
N ARG A 51 12.69 -9.34 -27.76
CA ARG A 51 13.17 -9.39 -26.38
CA ARG A 51 13.18 -9.41 -26.39
C ARG A 51 12.42 -10.46 -25.60
C ARG A 51 12.40 -10.40 -25.53
N SER A 52 11.11 -10.56 -25.79
CA SER A 52 10.32 -11.51 -24.99
C SER A 52 10.59 -12.95 -25.41
N PHE A 53 10.71 -13.18 -26.72
CA PHE A 53 11.14 -14.46 -27.24
C PHE A 53 12.47 -14.89 -26.62
N ASP A 54 13.45 -13.98 -26.61
CA ASP A 54 14.76 -14.31 -26.06
C ASP A 54 14.67 -14.61 -24.57
N LYS A 55 13.87 -13.84 -23.83
CA LYS A 55 13.78 -14.04 -22.38
C LYS A 55 13.08 -15.35 -22.07
N ALA A 56 12.01 -15.67 -22.81
CA ALA A 56 11.32 -16.94 -22.59
C ALA A 56 12.25 -18.13 -22.83
N LYS A 57 13.07 -18.06 -23.88
CA LYS A 57 14.02 -19.15 -24.14
C LYS A 57 15.07 -19.23 -23.03
N GLU A 58 15.55 -18.08 -22.58
CA GLU A 58 16.51 -18.05 -21.48
C GLU A 58 15.91 -18.62 -20.20
N ASP A 59 14.61 -18.41 -19.99
CA ASP A 59 13.91 -18.91 -18.81
C ASP A 59 13.59 -20.40 -18.90
N GLY A 60 14.01 -21.06 -19.98
CA GLY A 60 13.86 -22.50 -20.09
C GLY A 60 12.60 -22.98 -20.73
N PHE A 61 11.88 -22.14 -21.47
CA PHE A 61 10.65 -22.54 -22.14
C PHE A 61 10.91 -22.92 -23.59
N ASP A 62 10.07 -23.82 -24.11
CA ASP A 62 9.95 -24.01 -25.55
C ASP A 62 9.13 -22.87 -26.13
N VAL A 63 9.68 -22.22 -27.14
CA VAL A 63 9.13 -20.97 -27.65
C VAL A 63 8.85 -21.11 -29.15
N PHE A 64 7.68 -20.65 -29.57
CA PHE A 64 7.20 -20.81 -30.93
C PHE A 64 6.51 -19.54 -31.37
N PRO A 65 6.37 -19.32 -32.69
CA PRO A 65 5.42 -18.32 -33.17
C PRO A 65 4.05 -18.58 -32.60
N VAL A 66 3.25 -17.52 -32.47
CA VAL A 66 1.91 -17.66 -31.91
C VAL A 66 1.12 -18.73 -32.65
N ALA A 67 1.14 -18.70 -33.99
CA ALA A 67 0.33 -19.63 -34.77
C ALA A 67 0.69 -21.07 -34.46
N GLU A 68 1.98 -21.37 -34.34
CA GLU A 68 2.40 -22.74 -34.06
C GLU A 68 2.05 -23.14 -32.62
N ALA A 69 2.26 -22.25 -31.66
CA ALA A 69 1.88 -22.57 -30.28
C ALA A 69 0.39 -22.85 -30.18
N VAL A 70 -0.44 -22.09 -30.91
CA VAL A 70 -1.87 -22.33 -30.89
C VAL A 70 -2.19 -23.70 -31.49
N LYS A 71 -1.59 -24.02 -32.64
CA LYS A 71 -1.72 -25.35 -33.23
C LYS A 71 -1.45 -26.45 -32.19
N GLN A 72 -0.31 -26.33 -31.50
CA GLN A 72 0.11 -27.38 -30.58
C GLN A 72 -0.79 -27.51 -29.37
N ALA A 73 -1.37 -26.40 -28.91
CA ALA A 73 -1.89 -26.34 -27.56
C ALA A 73 -3.35 -26.73 -27.50
N ASP A 74 -3.75 -27.18 -26.31
CA ASP A 74 -5.15 -27.41 -25.96
C ASP A 74 -5.77 -26.22 -25.27
N VAL A 75 -4.99 -25.49 -24.50
CA VAL A 75 -5.44 -24.28 -23.80
C VAL A 75 -4.57 -23.14 -24.28
N ILE A 76 -5.20 -22.08 -24.79
CA ILE A 76 -4.49 -20.92 -25.34
C ILE A 76 -4.82 -19.72 -24.49
N MET A 77 -3.86 -19.26 -23.68
CA MET A 77 -4.06 -18.12 -22.78
C MET A 77 -3.45 -16.88 -23.41
N VAL A 78 -4.29 -15.88 -23.67
CA VAL A 78 -3.90 -14.71 -24.46
C VAL A 78 -3.46 -13.60 -23.52
N LEU A 79 -2.16 -13.36 -23.43
CA LEU A 79 -1.59 -12.38 -22.53
C LEU A 79 -0.76 -11.38 -23.34
N LEU A 80 -1.34 -10.93 -24.43
CA LEU A 80 -0.90 -9.79 -25.22
C LEU A 80 -1.55 -8.51 -24.69
N PRO A 81 -0.97 -7.34 -24.98
CA PRO A 81 -1.67 -6.09 -24.64
C PRO A 81 -3.08 -6.08 -25.21
N ASP A 82 -4.02 -5.50 -24.46
CA ASP A 82 -5.42 -5.57 -24.89
C ASP A 82 -5.62 -4.92 -26.25
N GLU A 83 -4.90 -3.85 -26.53
CA GLU A 83 -5.08 -3.17 -27.81
C GLU A 83 -4.52 -3.99 -28.99
N ILE A 84 -3.67 -4.98 -28.73
CA ILE A 84 -3.02 -5.83 -29.73
C ILE A 84 -3.84 -7.08 -30.03
N GLN A 85 -4.73 -7.49 -29.13
CA GLN A 85 -5.25 -8.86 -29.18
C GLN A 85 -6.13 -9.09 -30.40
N GLY A 86 -6.88 -8.07 -30.82
CA GLY A 86 -7.80 -8.26 -31.93
C GLY A 86 -7.10 -8.67 -33.21
N ASP A 87 -6.02 -7.95 -33.56
CA ASP A 87 -5.30 -8.24 -34.80
C ASP A 87 -4.60 -9.58 -34.73
N VAL A 88 -3.95 -9.88 -33.60
CA VAL A 88 -3.21 -11.12 -33.52
C VAL A 88 -4.18 -12.30 -33.45
N TYR A 89 -5.33 -12.11 -32.78
CA TYR A 89 -6.33 -13.18 -32.78
C TYR A 89 -6.77 -13.48 -34.20
N LYS A 90 -7.11 -12.45 -34.96
CA LYS A 90 -7.62 -12.65 -36.32
C LYS A 90 -6.58 -13.33 -37.22
N ASN A 91 -5.32 -12.93 -37.11
CA ASN A 91 -4.32 -13.34 -38.07
C ASN A 91 -3.56 -14.60 -37.66
N GLU A 92 -3.36 -14.81 -36.36
CA GLU A 92 -2.50 -15.89 -35.88
CA GLU A 92 -2.52 -15.90 -35.93
C GLU A 92 -3.21 -16.91 -35.02
N ILE A 93 -4.30 -16.55 -34.35
CA ILE A 93 -4.93 -17.48 -33.41
C ILE A 93 -6.11 -18.18 -34.06
N GLU A 94 -7.10 -17.39 -34.52
CA GLU A 94 -8.31 -17.97 -35.09
C GLU A 94 -8.04 -19.02 -36.17
N PRO A 95 -7.15 -18.79 -37.13
CA PRO A 95 -6.95 -19.80 -38.19
C PRO A 95 -6.41 -21.12 -37.67
N ASN A 96 -5.93 -21.18 -36.43
CA ASN A 96 -5.24 -22.37 -35.95
C ASN A 96 -5.94 -23.04 -34.78
N LEU A 97 -7.10 -22.55 -34.38
CA LEU A 97 -7.89 -23.20 -33.34
C LEU A 97 -8.51 -24.49 -33.87
N GLU A 98 -8.71 -25.43 -32.97
CA GLU A 98 -9.37 -26.69 -33.25
C GLU A 98 -10.55 -26.86 -32.31
N LYS A 99 -11.52 -27.67 -32.75
CA LYS A 99 -12.70 -27.94 -31.94
C LYS A 99 -12.31 -28.35 -30.54
N HIS A 100 -12.96 -27.73 -29.55
CA HIS A 100 -12.83 -28.00 -28.13
C HIS A 100 -11.47 -27.65 -27.56
N ASN A 101 -10.64 -26.92 -28.31
CA ASN A 101 -9.63 -26.09 -27.66
C ASN A 101 -10.32 -25.15 -26.67
N ALA A 102 -9.53 -24.62 -25.72
CA ALA A 102 -10.00 -23.57 -24.83
C ALA A 102 -9.21 -22.30 -25.10
N LEU A 103 -9.92 -21.19 -25.27
CA LEU A 103 -9.35 -19.87 -25.45
C LEU A 103 -9.53 -19.10 -24.16
N ALA A 104 -8.44 -18.56 -23.60
CA ALA A 104 -8.49 -17.94 -22.29
C ALA A 104 -7.89 -16.54 -22.32
N PHE A 105 -8.28 -15.74 -21.32
CA PHE A 105 -7.83 -14.35 -21.14
C PHE A 105 -7.61 -14.09 -19.67
N ALA A 106 -6.87 -13.03 -19.35
CA ALA A 106 -6.76 -12.58 -17.96
C ALA A 106 -7.45 -11.24 -17.72
N HIS A 107 -8.24 -10.78 -18.70
CA HIS A 107 -9.02 -9.54 -18.68
C HIS A 107 -10.12 -9.73 -19.71
N GLY A 108 -11.35 -9.36 -19.36
CA GLY A 108 -12.45 -9.60 -20.28
C GLY A 108 -12.60 -8.62 -21.43
N PHE A 109 -11.72 -7.63 -21.55
CA PHE A 109 -11.88 -6.49 -22.44
C PHE A 109 -12.26 -6.91 -23.86
N ASN A 110 -11.43 -7.76 -24.49
CA ASN A 110 -11.63 -8.01 -25.91
C ASN A 110 -12.90 -8.82 -26.17
N ILE A 111 -13.23 -9.76 -25.30
CA ILE A 111 -14.47 -10.51 -25.51
C ILE A 111 -15.68 -9.64 -25.18
N HIS A 112 -15.62 -8.91 -24.05
CA HIS A 112 -16.79 -8.17 -23.63
C HIS A 112 -17.15 -7.05 -24.60
N PHE A 113 -16.15 -6.34 -25.12
CA PHE A 113 -16.39 -5.22 -26.01
C PHE A 113 -16.48 -5.67 -27.48
N GLY A 114 -16.49 -6.98 -27.71
CA GLY A 114 -16.82 -7.53 -29.02
C GLY A 114 -15.70 -7.52 -30.03
N VAL A 115 -14.47 -7.20 -29.62
CA VAL A 115 -13.35 -7.15 -30.55
C VAL A 115 -13.01 -8.54 -31.06
N ILE A 116 -13.07 -9.53 -30.18
CA ILE A 116 -12.82 -10.93 -30.53
C ILE A 116 -14.12 -11.67 -30.40
N GLN A 117 -14.51 -12.37 -31.49
CA GLN A 117 -15.73 -13.18 -31.54
C GLN A 117 -15.32 -14.62 -31.86
N PRO A 118 -15.16 -15.45 -30.83
CA PRO A 118 -14.57 -16.77 -31.03
C PRO A 118 -15.57 -17.70 -31.72
N PRO A 119 -15.09 -18.80 -32.28
CA PRO A 119 -16.02 -19.78 -32.86
C PRO A 119 -16.85 -20.43 -31.76
N ALA A 120 -18.01 -20.93 -32.15
CA ALA A 120 -18.93 -21.55 -31.21
C ALA A 120 -18.38 -22.82 -30.57
N ASP A 121 -17.41 -23.49 -31.17
CA ASP A 121 -16.99 -24.82 -30.70
C ASP A 121 -15.68 -24.82 -29.92
N VAL A 122 -15.30 -23.68 -29.34
CA VAL A 122 -14.17 -23.66 -28.42
C VAL A 122 -14.66 -23.15 -27.07
N ASP A 123 -14.03 -23.64 -26.01
CA ASP A 123 -14.28 -23.07 -24.68
C ASP A 123 -13.68 -21.67 -24.63
N VAL A 124 -14.34 -20.77 -23.91
CA VAL A 124 -13.79 -19.43 -23.72
C VAL A 124 -13.92 -19.09 -22.24
N PHE A 125 -12.80 -18.83 -21.56
CA PHE A 125 -12.84 -18.52 -20.15
C PHE A 125 -11.83 -17.43 -19.82
N LEU A 126 -11.93 -16.90 -18.62
CA LEU A 126 -10.93 -15.97 -18.14
C LEU A 126 -10.48 -16.41 -16.76
N VAL A 127 -9.21 -16.17 -16.47
CA VAL A 127 -8.68 -16.26 -15.11
C VAL A 127 -7.90 -14.96 -14.93
N ALA A 128 -8.43 -14.04 -14.12
CA ALA A 128 -7.95 -12.66 -14.01
C ALA A 128 -7.35 -12.42 -12.64
N PRO A 129 -6.03 -12.44 -12.49
CA PRO A 129 -5.45 -12.13 -11.17
C PRO A 129 -5.67 -10.66 -10.82
N LYS A 130 -6.13 -10.42 -9.60
CA LYS A 130 -6.38 -9.07 -9.13
C LYS A 130 -5.08 -8.50 -8.56
N GLY A 131 -4.10 -8.34 -9.44
CA GLY A 131 -2.79 -7.89 -9.06
C GLY A 131 -1.84 -7.82 -10.24
N PRO A 132 -0.79 -7.03 -10.08
CA PRO A 132 0.19 -6.90 -11.18
C PRO A 132 0.99 -8.17 -11.39
N GLY A 133 1.35 -8.44 -12.67
CA GLY A 133 1.92 -9.73 -13.04
C GLY A 133 3.18 -10.09 -12.26
N HIS A 134 4.07 -9.12 -12.05
CA HIS A 134 5.32 -9.48 -11.36
C HIS A 134 5.04 -9.99 -9.96
N LEU A 135 3.96 -9.54 -9.33
CA LEU A 135 3.63 -10.05 -8.01
C LEU A 135 2.76 -11.30 -8.05
N VAL A 136 2.05 -11.54 -9.17
CA VAL A 136 1.46 -12.87 -9.36
C VAL A 136 2.54 -13.94 -9.27
N ARG A 137 3.70 -13.66 -9.84
CA ARG A 137 4.86 -14.56 -9.74
C ARG A 137 5.48 -14.51 -8.35
N ARG A 138 5.76 -13.32 -7.83
CA ARG A 138 6.54 -13.25 -6.60
C ARG A 138 5.79 -13.86 -5.42
N THR A 139 4.49 -13.55 -5.29
CA THR A 139 3.71 -14.14 -4.20
C THR A 139 3.74 -15.66 -4.30
N PHE A 140 3.62 -16.20 -5.52
CA PHE A 140 3.64 -17.65 -5.69
C PHE A 140 4.96 -18.26 -5.22
N VAL A 141 6.08 -17.65 -5.60
CA VAL A 141 7.40 -18.15 -5.19
C VAL A 141 7.54 -18.08 -3.68
N GLU A 142 6.92 -17.08 -3.04
CA GLU A 142 7.04 -16.90 -1.62
C GLU A 142 6.05 -17.75 -0.83
N GLY A 143 5.14 -18.45 -1.49
CA GLY A 143 4.19 -19.31 -0.84
C GLY A 143 2.78 -18.78 -0.73
N SER A 144 2.54 -17.53 -1.13
CA SER A 144 1.20 -17.00 -1.14
C SER A 144 0.72 -16.92 -2.59
N ALA A 145 -0.18 -15.99 -2.88
CA ALA A 145 -0.70 -15.85 -4.24
C ALA A 145 -1.53 -14.57 -4.32
N VAL A 146 -1.88 -14.22 -5.54
CA VAL A 146 -2.78 -13.10 -5.82
C VAL A 146 -4.17 -13.65 -6.06
N PRO A 147 -5.20 -13.16 -5.36
CA PRO A 147 -6.55 -13.66 -5.62
C PRO A 147 -6.96 -13.40 -7.05
N SER A 148 -7.82 -14.27 -7.58
CA SER A 148 -8.19 -14.15 -9.00
C SER A 148 -9.68 -14.36 -9.19
N LEU A 149 -10.18 -13.82 -10.31
CA LEU A 149 -11.54 -14.10 -10.76
C LEU A 149 -11.48 -15.10 -11.91
N PHE A 150 -12.51 -15.93 -12.02
CA PHE A 150 -12.65 -16.78 -13.20
C PHE A 150 -14.05 -16.60 -13.75
N GLY A 151 -14.19 -16.79 -15.06
CA GLY A 151 -15.47 -16.64 -15.70
C GLY A 151 -15.53 -17.46 -16.96
N ILE A 152 -16.70 -18.01 -17.23
CA ILE A 152 -16.89 -18.89 -18.38
C ILE A 152 -17.79 -18.15 -19.36
N GLN A 153 -17.26 -17.86 -20.55
CA GLN A 153 -18.07 -17.26 -21.61
C GLN A 153 -18.68 -18.33 -22.51
N GLN A 154 -17.94 -19.42 -22.80
CA GLN A 154 -18.44 -20.49 -23.66
C GLN A 154 -17.95 -21.81 -23.11
N ASP A 155 -18.85 -22.80 -23.01
CA ASP A 155 -18.50 -24.17 -22.62
C ASP A 155 -18.89 -25.11 -23.78
N ALA A 156 -18.00 -25.24 -24.76
CA ALA A 156 -18.25 -26.14 -25.87
C ALA A 156 -17.96 -27.59 -25.48
N SER A 157 -16.92 -27.80 -24.67
CA SER A 157 -16.46 -29.14 -24.37
C SER A 157 -17.21 -29.79 -23.22
N GLY A 158 -17.91 -29.01 -22.41
CA GLY A 158 -18.50 -29.51 -21.18
C GLY A 158 -17.59 -29.52 -19.98
N GLN A 159 -16.31 -29.16 -20.12
CA GLN A 159 -15.42 -29.13 -18.95
CA GLN A 159 -15.37 -29.14 -19.00
C GLN A 159 -14.73 -27.79 -18.80
N ALA A 160 -15.29 -26.73 -19.39
CA ALA A 160 -14.67 -25.41 -19.32
C ALA A 160 -14.52 -24.93 -17.87
N ARG A 161 -15.56 -25.14 -17.06
CA ARG A 161 -15.50 -24.71 -15.67
CA ARG A 161 -15.51 -24.73 -15.66
C ARG A 161 -14.36 -25.38 -14.92
N ASN A 162 -14.23 -26.71 -15.04
CA ASN A 162 -13.16 -27.39 -14.34
C ASN A 162 -11.78 -26.99 -14.86
N ILE A 163 -11.66 -26.78 -16.17
CA ILE A 163 -10.38 -26.34 -16.73
C ILE A 163 -10.01 -24.97 -16.17
N ALA A 164 -10.97 -24.05 -16.14
CA ALA A 164 -10.70 -22.72 -15.61
C ALA A 164 -10.32 -22.77 -14.13
N LEU A 165 -11.00 -23.61 -13.34
CA LEU A 165 -10.65 -23.69 -11.93
C LEU A 165 -9.28 -24.31 -11.74
N SER A 166 -8.95 -25.34 -12.53
CA SER A 166 -7.62 -25.93 -12.43
C SER A 166 -6.54 -24.97 -12.91
N TYR A 167 -6.86 -24.12 -13.89
CA TYR A 167 -5.93 -23.09 -14.32
C TYR A 167 -5.67 -22.09 -13.20
N ALA A 168 -6.73 -21.62 -12.57
CA ALA A 168 -6.57 -20.72 -11.42
C ALA A 168 -5.77 -21.37 -10.30
N LYS A 169 -6.04 -22.65 -10.00
CA LYS A 169 -5.23 -23.34 -8.99
C LYS A 169 -3.78 -23.44 -9.45
N GLY A 170 -3.57 -23.67 -10.75
CA GLY A 170 -2.25 -23.90 -11.27
C GLY A 170 -1.35 -22.67 -11.22
N ILE A 171 -1.93 -21.47 -11.24
CA ILE A 171 -1.12 -20.27 -11.13
C ILE A 171 -1.08 -19.84 -9.68
N GLY A 172 -1.68 -20.65 -8.79
CA GLY A 172 -1.59 -20.42 -7.36
C GLY A 172 -2.76 -19.69 -6.74
N ALA A 173 -3.71 -19.19 -7.54
CA ALA A 173 -4.68 -18.21 -7.06
C ALA A 173 -5.58 -18.77 -5.97
N THR A 174 -5.84 -20.08 -5.97
CA THR A 174 -6.70 -20.63 -4.93
C THR A 174 -6.06 -20.59 -3.54
N ARG A 175 -4.75 -20.31 -3.44
CA ARG A 175 -4.16 -20.06 -2.13
C ARG A 175 -4.78 -18.83 -1.47
N ALA A 176 -5.12 -17.83 -2.29
CA ALA A 176 -5.64 -16.57 -1.79
C ALA A 176 -7.14 -16.48 -1.90
N GLY A 177 -7.73 -17.18 -2.87
CA GLY A 177 -9.15 -17.13 -3.10
C GLY A 177 -9.49 -16.84 -4.54
N VAL A 178 -10.46 -17.57 -5.09
CA VAL A 178 -10.90 -17.42 -6.46
C VAL A 178 -12.42 -17.28 -6.47
N ILE A 179 -12.93 -16.29 -7.18
CA ILE A 179 -14.35 -15.98 -7.23
C ILE A 179 -14.81 -16.01 -8.69
N GLU A 180 -15.99 -16.58 -8.94
CA GLU A 180 -16.56 -16.57 -10.27
C GLU A 180 -17.14 -15.20 -10.62
N THR A 181 -17.00 -14.80 -11.89
CA THR A 181 -17.56 -13.57 -12.39
C THR A 181 -18.00 -13.78 -13.84
N THR A 182 -18.47 -12.72 -14.48
CA THR A 182 -18.73 -12.70 -15.91
C THR A 182 -17.67 -11.85 -16.61
N PHE A 183 -17.61 -12.00 -17.94
CA PHE A 183 -16.71 -11.16 -18.72
C PHE A 183 -17.08 -9.67 -18.59
N LYS A 184 -18.37 -9.35 -18.50
CA LYS A 184 -18.81 -7.97 -18.32
C LYS A 184 -18.37 -7.43 -16.97
N GLU A 185 -18.63 -8.19 -15.90
CA GLU A 185 -18.30 -7.71 -14.55
C GLU A 185 -16.79 -7.60 -14.38
N GLU A 186 -16.04 -8.59 -14.84
CA GLU A 186 -14.58 -8.49 -14.74
C GLU A 186 -14.10 -7.24 -15.43
N THR A 187 -14.55 -7.02 -16.67
CA THR A 187 -14.01 -5.89 -17.46
C THR A 187 -14.34 -4.56 -16.80
N GLU A 188 -15.61 -4.36 -16.41
CA GLU A 188 -16.03 -3.08 -15.89
C GLU A 188 -15.37 -2.78 -14.56
N THR A 189 -15.33 -3.78 -13.65
CA THR A 189 -14.77 -3.54 -12.33
C THR A 189 -13.26 -3.40 -12.39
N ASP A 190 -12.61 -4.12 -13.31
CA ASP A 190 -11.15 -4.05 -13.45
C ASP A 190 -10.72 -2.68 -13.94
N LEU A 191 -11.36 -2.21 -15.00
CA LEU A 191 -11.06 -0.88 -15.50
C LEU A 191 -11.33 0.18 -14.45
N PHE A 192 -12.44 0.05 -13.71
CA PHE A 192 -12.75 1.01 -12.67
C PHE A 192 -11.69 1.03 -11.58
N GLY A 193 -11.33 -0.14 -11.06
CA GLY A 193 -10.41 -0.16 -9.92
C GLY A 193 -9.07 0.46 -10.27
N GLU A 194 -8.50 0.09 -11.43
CA GLU A 194 -7.20 0.63 -11.76
C GLU A 194 -7.30 2.12 -12.08
N GLN A 195 -8.42 2.58 -12.66
CA GLN A 195 -8.54 4.00 -12.98
C GLN A 195 -8.78 4.86 -11.73
N ALA A 196 -9.79 4.50 -10.92
CA ALA A 196 -10.22 5.38 -9.85
C ALA A 196 -9.47 5.19 -8.56
N VAL A 197 -8.84 4.03 -8.35
CA VAL A 197 -8.28 3.72 -7.04
C VAL A 197 -6.80 3.31 -7.11
N LEU A 198 -6.50 2.21 -7.81
CA LEU A 198 -5.19 1.55 -7.66
C LEU A 198 -4.06 2.27 -8.39
N CYS A 199 -4.36 2.82 -9.57
CA CYS A 199 -3.34 3.47 -10.37
C CYS A 199 -3.63 4.95 -10.48
N GLY A 200 -4.72 5.34 -11.16
CA GLY A 200 -5.03 6.76 -11.26
C GLY A 200 -5.23 7.43 -9.90
N GLY A 201 -6.14 6.89 -9.09
CA GLY A 201 -6.48 7.55 -7.84
C GLY A 201 -5.34 7.67 -6.85
N VAL A 202 -4.72 6.56 -6.46
CA VAL A 202 -3.73 6.68 -5.38
C VAL A 202 -2.48 7.41 -5.85
N SER A 203 -2.07 7.24 -7.11
N SER A 203 -2.10 7.29 -7.12
CA SER A 203 -0.92 7.99 -7.59
CA SER A 203 -0.88 7.99 -7.55
C SER A 203 -1.16 9.48 -7.46
C SER A 203 -1.11 9.50 -7.56
N LYS A 204 -2.32 9.94 -7.94
CA LYS A 204 -2.61 11.37 -7.92
C LYS A 204 -2.79 11.86 -6.50
N LEU A 205 -3.37 11.04 -5.62
CA LEU A 205 -3.44 11.39 -4.20
C LEU A 205 -2.05 11.65 -3.63
N ILE A 206 -1.14 10.70 -3.83
CA ILE A 206 0.20 10.83 -3.28
C ILE A 206 0.92 12.02 -3.90
N GLN A 207 0.79 12.18 -5.22
CA GLN A 207 1.43 13.31 -5.88
C GLN A 207 0.91 14.64 -5.34
N SER A 208 -0.41 14.74 -5.12
CA SER A 208 -0.97 15.99 -4.61
C SER A 208 -0.50 16.25 -3.20
N GLY A 209 -0.40 15.20 -2.38
CA GLY A 209 0.13 15.38 -1.04
C GLY A 209 1.58 15.81 -1.03
N PHE A 210 2.39 15.21 -1.90
CA PHE A 210 3.80 15.57 -2.02
C PHE A 210 3.93 17.02 -2.46
N GLU A 211 3.20 17.40 -3.51
CA GLU A 211 3.25 18.77 -4.00
C GLU A 211 2.82 19.76 -2.92
N THR A 212 1.76 19.44 -2.17
CA THR A 212 1.31 20.32 -1.09
C THR A 212 2.43 20.59 -0.10
N LEU A 213 3.13 19.54 0.31
CA LEU A 213 4.20 19.70 1.29
C LEU A 213 5.36 20.50 0.72
N VAL A 214 5.77 20.20 -0.51
CA VAL A 214 6.94 20.87 -1.10
CA VAL A 214 6.96 20.89 -1.02
C VAL A 214 6.62 22.33 -1.40
N GLU A 215 5.41 22.58 -1.91
CA GLU A 215 4.99 23.96 -2.18
C GLU A 215 4.92 24.79 -0.91
N ALA A 216 4.67 24.14 0.22
CA ALA A 216 4.63 24.77 1.53
C ALA A 216 6.01 24.98 2.13
N GLY A 217 7.08 24.57 1.43
CA GLY A 217 8.43 24.82 1.90
C GLY A 217 9.02 23.74 2.78
N TYR A 218 8.38 22.57 2.90
CA TYR A 218 8.96 21.51 3.72
C TYR A 218 9.97 20.68 2.91
N GLN A 219 10.82 19.94 3.62
CA GLN A 219 11.92 19.25 2.95
C GLN A 219 11.37 18.18 2.00
N PRO A 220 11.80 18.15 0.73
CA PRO A 220 11.25 17.13 -0.19
C PRO A 220 11.54 15.70 0.22
N GLU A 221 12.72 15.44 0.81
CA GLU A 221 13.01 14.07 1.23
C GLU A 221 12.07 13.63 2.35
N LEU A 222 11.81 14.54 3.29
CA LEU A 222 10.78 14.29 4.30
C LEU A 222 9.45 13.99 3.65
N ALA A 223 9.04 14.83 2.70
CA ALA A 223 7.75 14.63 2.04
C ALA A 223 7.66 13.27 1.38
N TYR A 224 8.75 12.79 0.76
CA TYR A 224 8.74 11.45 0.15
C TYR A 224 8.50 10.37 1.19
N PHE A 225 9.21 10.44 2.32
CA PHE A 225 9.00 9.42 3.36
C PHE A 225 7.58 9.48 3.90
N GLU A 226 7.04 10.70 4.01
CA GLU A 226 5.74 10.91 4.65
C GLU A 226 4.58 10.41 3.79
N VAL A 227 4.53 10.77 2.50
CA VAL A 227 3.34 10.47 1.71
C VAL A 227 3.50 9.27 0.78
N LEU A 228 4.72 8.80 0.51
CA LEU A 228 4.89 7.66 -0.38
C LEU A 228 5.48 6.46 0.34
N HIS A 229 6.68 6.59 0.89
CA HIS A 229 7.32 5.43 1.51
C HIS A 229 6.44 4.83 2.60
N GLU A 230 5.88 5.70 3.46
CA GLU A 230 5.06 5.20 4.54
C GLU A 230 3.76 4.59 4.06
N MET A 231 3.30 4.93 2.85
CA MET A 231 2.05 4.34 2.36
C MET A 231 2.14 2.82 2.32
N LYS A 232 3.29 2.27 1.94
CA LYS A 232 3.46 0.81 1.91
C LYS A 232 3.30 0.21 3.29
N LEU A 233 3.80 0.90 4.31
CA LEU A 233 3.71 0.37 5.67
C LEU A 233 2.26 0.35 6.17
N ILE A 234 1.54 1.45 5.93
CA ILE A 234 0.14 1.53 6.35
C ILE A 234 -0.70 0.53 5.56
N VAL A 235 -0.50 0.46 4.26
CA VAL A 235 -1.34 -0.43 3.46
C VAL A 235 -1.03 -1.90 3.77
N ASP A 236 0.21 -2.22 4.16
CA ASP A 236 0.49 -3.59 4.64
C ASP A 236 -0.41 -3.96 5.80
N LEU A 237 -0.60 -3.06 6.76
CA LEU A 237 -1.49 -3.37 7.87
C LEU A 237 -2.92 -3.57 7.39
N MET A 238 -3.33 -2.79 6.39
CA MET A 238 -4.68 -2.91 5.85
C MET A 238 -4.86 -4.24 5.15
N TYR A 239 -3.82 -4.67 4.42
CA TYR A 239 -3.83 -5.94 3.71
C TYR A 239 -3.93 -7.09 4.69
N GLU A 240 -3.26 -6.96 5.84
CA GLU A 240 -3.18 -8.05 6.79
C GLU A 240 -4.40 -8.14 7.67
N GLY A 241 -5.06 -7.02 7.97
CA GLY A 241 -6.12 -7.01 8.96
C GLY A 241 -7.22 -5.99 8.78
N GLY A 242 -7.31 -5.39 7.58
CA GLY A 242 -8.35 -4.44 7.28
C GLY A 242 -8.07 -3.06 7.84
N MET A 243 -9.00 -2.14 7.55
CA MET A 243 -8.85 -0.79 8.08
C MET A 243 -8.87 -0.77 9.60
N GLU A 244 -9.53 -1.74 10.23
CA GLU A 244 -9.51 -1.78 11.69
C GLU A 244 -8.12 -2.08 12.22
N ASN A 245 -7.31 -2.83 11.48
CA ASN A 245 -5.94 -3.10 11.89
C ASN A 245 -5.08 -1.83 11.77
N VAL A 246 -5.31 -1.05 10.72
CA VAL A 246 -4.62 0.23 10.60
C VAL A 246 -4.99 1.13 11.78
N ARG A 247 -6.29 1.28 12.04
CA ARG A 247 -6.69 2.24 13.06
C ARG A 247 -6.26 1.78 14.45
N TYR A 248 -6.07 0.46 14.64
CA TYR A 248 -5.50 -0.03 15.88
C TYR A 248 -4.05 0.41 16.05
N SER A 249 -3.23 0.21 15.01
CA SER A 249 -1.80 0.47 15.11
C SER A 249 -1.48 1.96 15.19
N ILE A 250 -2.29 2.82 14.57
CA ILE A 250 -1.92 4.23 14.52
C ILE A 250 -2.31 4.90 15.82
N SER A 251 -1.80 6.11 16.03
CA SER A 251 -2.10 6.87 17.22
C SER A 251 -3.54 7.36 17.22
N ASN A 252 -4.05 7.66 18.42
CA ASN A 252 -5.36 8.32 18.49
C ASN A 252 -5.35 9.64 17.72
N THR A 253 -4.21 10.33 17.72
CA THR A 253 -4.09 11.57 16.98
C THR A 253 -4.35 11.35 15.50
N ALA A 254 -3.72 10.32 14.94
CA ALA A 254 -3.88 10.00 13.52
C ALA A 254 -5.26 9.46 13.23
N GLU A 255 -5.81 8.64 14.13
CA GLU A 255 -7.13 8.07 13.90
C GLU A 255 -8.18 9.16 13.86
N PHE A 256 -8.13 10.07 14.84
CA PHE A 256 -9.02 11.22 14.85
C PHE A 256 -8.83 12.04 13.58
N GLY A 257 -7.56 12.27 13.19
CA GLY A 257 -7.30 13.04 11.97
C GLY A 257 -7.85 12.38 10.72
N ASP A 258 -7.71 11.06 10.62
CA ASP A 258 -8.35 10.29 9.56
C ASP A 258 -9.84 10.61 9.47
N TYR A 259 -10.56 10.49 10.59
CA TYR A 259 -12.01 10.66 10.57
C TYR A 259 -12.43 12.08 10.23
N VAL A 260 -11.69 13.10 10.73
CA VAL A 260 -12.13 14.48 10.51
C VAL A 260 -11.62 15.05 9.19
N SER A 261 -10.44 14.66 8.72
CA SER A 261 -9.88 15.27 7.52
C SER A 261 -9.99 14.38 6.28
N GLY A 262 -10.04 13.05 6.42
CA GLY A 262 -10.26 12.21 5.28
C GLY A 262 -11.42 12.66 4.39
N PRO A 263 -12.60 12.90 4.96
CA PRO A 263 -13.73 13.36 4.14
C PRO A 263 -13.61 14.80 3.67
N ARG A 264 -12.68 15.59 4.21
CA ARG A 264 -12.44 16.92 3.68
C ARG A 264 -11.62 16.87 2.41
N VAL A 265 -10.79 15.83 2.26
CA VAL A 265 -9.96 15.64 1.08
C VAL A 265 -10.73 14.85 0.03
N ILE A 266 -11.19 13.65 0.39
CA ILE A 266 -12.00 12.81 -0.52
C ILE A 266 -13.45 13.11 -0.18
N THR A 267 -14.00 14.11 -0.84
CA THR A 267 -15.32 14.67 -0.57
C THR A 267 -16.37 13.90 -1.35
N PRO A 268 -17.65 14.17 -1.08
CA PRO A 268 -18.69 13.59 -1.95
C PRO A 268 -18.47 13.87 -3.43
N ASP A 269 -17.91 15.03 -3.77
CA ASP A 269 -17.58 15.33 -5.17
C ASP A 269 -16.68 14.24 -5.77
N VAL A 270 -15.69 13.78 -4.98
CA VAL A 270 -14.76 12.79 -5.49
C VAL A 270 -15.45 11.47 -5.74
N LYS A 271 -16.38 11.08 -4.86
CA LYS A 271 -17.15 9.86 -5.10
C LYS A 271 -18.03 10.01 -6.33
N GLU A 272 -18.63 11.19 -6.53
CA GLU A 272 -19.36 11.43 -7.77
C GLU A 272 -18.46 11.35 -9.00
N ASN A 273 -17.23 11.86 -8.91
CA ASN A 273 -16.26 11.71 -9.99
C ASN A 273 -15.99 10.25 -10.31
N MET A 274 -15.86 9.41 -9.27
CA MET A 274 -15.68 7.98 -9.49
C MET A 274 -16.87 7.40 -10.23
N LYS A 275 -18.08 7.84 -9.89
CA LYS A 275 -19.25 7.31 -10.56
C LYS A 275 -19.23 7.69 -12.04
N ALA A 276 -18.81 8.91 -12.35
CA ALA A 276 -18.68 9.32 -13.75
C ALA A 276 -17.65 8.47 -14.48
N VAL A 277 -16.55 8.12 -13.82
CA VAL A 277 -15.54 7.27 -14.44
C VAL A 277 -16.11 5.89 -14.71
N LEU A 278 -16.85 5.34 -13.75
CA LEU A 278 -17.50 4.04 -13.94
C LEU A 278 -18.49 4.08 -15.11
N THR A 279 -19.29 5.15 -15.21
CA THR A 279 -20.27 5.23 -16.29
C THR A 279 -19.59 5.22 -17.65
N ASP A 280 -18.47 5.95 -17.77
CA ASP A 280 -17.73 5.98 -19.02
C ASP A 280 -17.05 4.65 -19.33
N ILE A 281 -16.81 3.80 -18.33
CA ILE A 281 -16.39 2.44 -18.60
C ILE A 281 -17.57 1.61 -19.10
N GLN A 282 -18.70 1.72 -18.42
CA GLN A 282 -19.87 0.91 -18.74
C GLN A 282 -20.40 1.20 -20.13
N ASN A 283 -20.39 2.46 -20.55
CA ASN A 283 -21.05 2.80 -21.80
C ASN A 283 -20.13 2.72 -23.01
N GLY A 284 -18.89 2.24 -22.82
CA GLY A 284 -17.93 2.07 -23.88
C GLY A 284 -17.10 3.30 -24.22
N ASN A 285 -17.32 4.44 -23.54
CA ASN A 285 -16.53 5.64 -23.84
C ASN A 285 -15.04 5.43 -23.56
N PHE A 286 -14.69 4.79 -22.43
CA PHE A 286 -13.28 4.59 -22.14
C PHE A 286 -12.62 3.66 -23.16
N SER A 287 -13.22 2.48 -23.37
CA SER A 287 -12.62 1.52 -24.29
C SER A 287 -12.52 2.08 -25.70
N ASN A 288 -13.54 2.84 -26.14
CA ASN A 288 -13.45 3.46 -27.47
C ASN A 288 -12.31 4.47 -27.51
N ARG A 289 -12.16 5.28 -26.45
CA ARG A 289 -11.09 6.27 -26.44
C ARG A 289 -9.72 5.60 -26.54
N PHE A 290 -9.55 4.50 -25.80
CA PHE A 290 -8.28 3.79 -25.77
C PHE A 290 -8.00 3.14 -27.12
N ILE A 291 -9.01 2.44 -27.68
CA ILE A 291 -8.80 1.74 -28.93
C ILE A 291 -8.59 2.72 -30.07
N GLU A 292 -9.34 3.81 -30.09
CA GLU A 292 -9.13 4.82 -31.14
C GLU A 292 -7.75 5.45 -31.02
N ASP A 293 -7.29 5.71 -29.80
CA ASP A 293 -5.96 6.29 -29.68
C ASP A 293 -4.91 5.31 -30.18
N ASN A 294 -5.09 4.02 -29.88
CA ASN A 294 -4.21 2.99 -30.40
C ASN A 294 -4.16 3.02 -31.92
N LYS A 295 -5.30 3.21 -32.57
CA LYS A 295 -5.34 3.24 -34.03
C LYS A 295 -4.63 4.46 -34.59
N ASN A 296 -4.46 5.52 -33.79
N ASN A 296 -4.45 5.51 -33.81
CA ASN A 296 -3.82 6.77 -34.16
CA ASN A 296 -3.78 6.70 -34.28
C ASN A 296 -2.38 6.87 -33.66
C ASN A 296 -2.41 6.87 -33.63
N GLY A 297 -1.73 5.75 -33.38
CA GLY A 297 -0.35 5.77 -32.96
C GLY A 297 -0.12 6.03 -31.48
N PHE A 298 -1.15 5.85 -30.66
CA PHE A 298 -1.08 6.15 -29.23
C PHE A 298 -0.64 7.60 -28.98
N LYS A 299 -1.11 8.50 -29.84
CA LYS A 299 -0.73 9.91 -29.74
C LYS A 299 -1.06 10.48 -28.36
N GLU A 300 -2.28 10.24 -27.88
CA GLU A 300 -2.65 10.81 -26.58
C GLU A 300 -1.98 10.06 -25.44
N PHE A 301 -1.91 8.73 -25.53
CA PHE A 301 -1.26 7.92 -24.50
C PHE A 301 0.18 8.39 -24.28
N TYR A 302 0.92 8.56 -25.37
CA TYR A 302 2.32 8.91 -25.22
C TYR A 302 2.48 10.35 -24.77
N LYS A 303 1.59 11.25 -25.21
CA LYS A 303 1.60 12.63 -24.72
C LYS A 303 1.37 12.68 -23.22
N LEU A 304 0.35 11.96 -22.76
CA LEU A 304 0.06 11.97 -21.32
C LEU A 304 1.18 11.29 -20.55
N ARG A 305 1.78 10.25 -21.11
CA ARG A 305 2.89 9.60 -20.44
C ARG A 305 4.06 10.57 -20.28
N GLU A 306 4.34 11.35 -21.32
CA GLU A 306 5.42 12.33 -21.23
C GLU A 306 5.09 13.44 -20.23
N GLU A 307 3.83 13.92 -20.21
CA GLU A 307 3.42 14.95 -19.26
C GLU A 307 3.64 14.50 -17.82
N GLN A 308 3.34 13.23 -17.51
CA GLN A 308 3.50 12.73 -16.15
C GLN A 308 4.92 12.30 -15.85
N HIS A 309 5.77 12.24 -16.85
CA HIS A 309 7.13 11.79 -16.66
C HIS A 309 7.98 12.88 -15.99
N GLY A 310 8.92 12.45 -15.16
CA GLY A 310 9.89 13.38 -14.61
C GLY A 310 9.42 14.22 -13.43
N HIS A 311 8.37 13.82 -12.74
CA HIS A 311 7.95 14.51 -11.53
C HIS A 311 9.07 14.51 -10.49
N GLN A 312 9.15 15.61 -9.71
CA GLN A 312 10.12 15.73 -8.63
C GLN A 312 10.10 14.52 -7.70
N ILE A 313 8.92 13.97 -7.43
CA ILE A 313 8.84 12.85 -6.50
C ILE A 313 9.65 11.67 -7.03
N GLU A 314 9.75 11.53 -8.35
CA GLU A 314 10.54 10.43 -8.91
C GLU A 314 12.02 10.63 -8.67
N LYS A 315 12.52 11.86 -8.84
CA LYS A 315 13.94 12.12 -8.61
CA LYS A 315 13.93 12.11 -8.62
C LYS A 315 14.31 11.97 -7.13
N VAL A 316 13.48 12.52 -6.24
CA VAL A 316 13.74 12.38 -4.81
C VAL A 316 13.68 10.90 -4.41
N GLY A 317 12.66 10.19 -4.88
CA GLY A 317 12.53 8.80 -4.48
C GLY A 317 13.70 7.94 -4.95
N ARG A 318 14.19 8.17 -6.17
CA ARG A 318 15.34 7.40 -6.66
C ARG A 318 16.53 7.55 -5.74
N GLU A 319 16.82 8.78 -5.32
CA GLU A 319 17.97 9.03 -4.46
C GLU A 319 17.86 8.31 -3.13
N LEU A 320 16.67 8.35 -2.53
CA LEU A 320 16.49 7.75 -1.21
C LEU A 320 16.48 6.23 -1.30
N ARG A 321 15.82 5.69 -2.32
CA ARG A 321 15.77 4.23 -2.43
C ARG A 321 17.15 3.65 -2.71
N GLU A 322 18.00 4.39 -3.41
CA GLU A 322 19.33 3.88 -3.75
C GLU A 322 20.14 3.57 -2.50
N MET A 323 19.89 4.29 -1.41
CA MET A 323 20.60 4.12 -0.16
C MET A 323 19.92 3.18 0.83
N MET A 324 18.84 2.50 0.41
CA MET A 324 18.19 1.54 1.28
C MET A 324 18.52 0.14 0.80
N PRO A 325 19.46 -0.57 1.42
CA PRO A 325 19.92 -1.84 0.85
C PRO A 325 18.83 -2.89 0.78
N PHE A 326 17.81 -2.81 1.64
CA PHE A 326 16.74 -3.77 1.67
C PHE A 326 15.73 -3.57 0.56
N ILE A 327 15.76 -2.44 -0.13
CA ILE A 327 14.83 -2.21 -1.23
C ILE A 327 15.43 -2.71 -2.55
N THR B 2 20.03 17.99 0.90
CA THR B 2 19.57 17.47 2.17
C THR B 2 20.47 16.36 2.72
N THR B 3 20.92 16.50 3.96
CA THR B 3 21.70 15.46 4.61
C THR B 3 20.77 14.36 5.12
N VAL B 4 21.03 13.13 4.69
CA VAL B 4 20.38 11.95 5.23
C VAL B 4 21.45 11.12 5.91
N TYR B 5 21.20 10.73 7.16
CA TYR B 5 22.17 9.98 7.96
C TYR B 5 21.86 8.49 7.92
N TYR B 6 22.89 7.70 7.67
CA TYR B 6 22.83 6.25 7.72
C TYR B 6 23.77 5.74 8.82
N ASP B 7 23.83 4.41 8.99
CA ASP B 7 24.54 3.83 10.14
C ASP B 7 25.96 4.38 10.25
N GLN B 8 26.69 4.38 9.13
CA GLN B 8 28.09 4.79 9.20
C GLN B 8 28.26 6.28 9.40
N ASP B 9 27.20 7.07 9.31
CA ASP B 9 27.29 8.50 9.56
C ASP B 9 27.16 8.86 11.02
N VAL B 10 26.83 7.91 11.89
CA VAL B 10 26.75 8.13 13.33
C VAL B 10 28.00 7.49 13.92
N LYS B 11 28.98 8.31 14.25
CA LYS B 11 30.31 7.81 14.55
C LYS B 11 30.58 7.57 16.02
N THR B 12 29.89 8.28 16.92
CA THR B 12 30.03 8.04 18.35
C THR B 12 28.68 7.59 18.91
N ASP B 13 28.74 6.70 19.90
CA ASP B 13 27.54 6.22 20.58
C ASP B 13 27.36 7.08 21.83
N ALA B 14 26.50 8.09 21.72
CA ALA B 14 26.19 8.97 22.84
C ALA B 14 25.09 8.43 23.73
N LEU B 15 24.52 7.27 23.39
CA LEU B 15 23.51 6.59 24.19
C LEU B 15 24.08 5.55 25.13
N GLN B 16 25.16 4.90 24.72
CA GLN B 16 25.82 3.89 25.54
C GLN B 16 26.04 4.40 26.97
N GLY B 17 25.69 3.57 27.94
CA GLY B 17 25.85 3.90 29.34
C GLY B 17 24.68 4.64 29.96
N LYS B 18 23.73 5.10 29.17
CA LYS B 18 22.58 5.81 29.70
C LYS B 18 21.42 4.86 29.93
N LYS B 19 20.69 5.10 31.02
CA LYS B 19 19.48 4.37 31.30
C LYS B 19 18.30 5.02 30.57
N ILE B 20 17.53 4.20 29.85
CA ILE B 20 16.42 4.70 29.04
C ILE B 20 15.11 4.25 29.67
N ALA B 21 14.21 5.20 29.89
CA ALA B 21 12.83 4.89 30.26
C ALA B 21 11.98 5.10 29.02
N VAL B 22 11.27 4.07 28.59
CA VAL B 22 10.23 4.21 27.60
C VAL B 22 8.92 4.35 28.37
N VAL B 23 8.29 5.51 28.24
CA VAL B 23 7.08 5.81 29.00
C VAL B 23 5.89 5.50 28.11
N GLY B 24 5.10 4.52 28.51
CA GLY B 24 4.09 3.99 27.61
C GLY B 24 4.60 2.75 26.90
N TYR B 25 3.68 1.85 26.57
CA TYR B 25 4.08 0.62 25.92
C TYR B 25 3.00 0.23 24.92
N GLY B 26 2.76 1.13 23.98
CA GLY B 26 1.79 0.92 22.92
C GLY B 26 2.42 0.66 21.58
N SER B 27 1.85 1.26 20.54
CA SER B 27 2.32 1.00 19.19
CA SER B 27 2.33 1.02 19.17
C SER B 27 3.80 1.37 19.04
N GLN B 28 4.15 2.62 19.35
CA GLN B 28 5.56 2.98 19.25
C GLN B 28 6.34 2.46 20.45
N GLY B 29 5.74 2.46 21.64
CA GLY B 29 6.50 2.09 22.83
C GLY B 29 7.10 0.70 22.75
N HIS B 30 6.30 -0.30 22.32
CA HIS B 30 6.87 -1.65 22.28
C HIS B 30 7.95 -1.76 21.21
N ALA B 31 7.88 -0.95 20.16
CA ALA B 31 8.86 -1.03 19.10
C ALA B 31 10.17 -0.35 19.49
N HIS B 32 10.08 0.86 20.04
CA HIS B 32 11.30 1.54 20.50
C HIS B 32 11.99 0.70 21.56
N ALA B 33 11.23 0.23 22.54
CA ALA B 33 11.83 -0.49 23.67
C ALA B 33 12.53 -1.76 23.21
N GLN B 34 11.86 -2.56 22.36
CA GLN B 34 12.42 -3.83 21.96
C GLN B 34 13.59 -3.66 21.00
N ASN B 35 13.50 -2.68 20.08
CA ASN B 35 14.62 -2.45 19.18
C ASN B 35 15.85 -2.02 19.95
N LEU B 36 15.68 -1.09 20.90
CA LEU B 36 16.80 -0.64 21.71
C LEU B 36 17.38 -1.80 22.53
N LYS B 37 16.51 -2.60 23.14
CA LYS B 37 17.00 -3.69 23.97
C LYS B 37 17.72 -4.73 23.14
N ASP B 38 17.21 -5.00 21.94
CA ASP B 38 17.88 -5.93 21.04
C ASP B 38 19.30 -5.47 20.73
N ASN B 39 19.49 -4.15 20.61
CA ASN B 39 20.79 -3.53 20.36
C ASN B 39 21.60 -3.32 21.63
N GLY B 40 21.16 -3.86 22.76
CA GLY B 40 21.97 -3.89 23.97
C GLY B 40 21.79 -2.73 24.92
N TYR B 41 20.86 -1.82 24.66
CA TYR B 41 20.71 -0.68 25.54
C TYR B 41 19.87 -1.02 26.77
N ASP B 42 20.01 -0.19 27.81
CA ASP B 42 19.42 -0.43 29.12
C ASP B 42 18.06 0.27 29.15
N VAL B 43 17.00 -0.53 29.01
CA VAL B 43 15.64 -0.02 28.86
C VAL B 43 14.78 -0.51 30.01
N VAL B 44 14.04 0.40 30.64
CA VAL B 44 12.95 0.05 31.54
C VAL B 44 11.70 0.74 31.02
N ILE B 45 10.55 0.24 31.44
CA ILE B 45 9.26 0.75 30.98
C ILE B 45 8.58 1.45 32.15
N GLY B 46 8.08 2.66 31.89
CA GLY B 46 7.22 3.35 32.83
C GLY B 46 5.78 3.30 32.34
N ILE B 47 4.88 2.70 33.12
CA ILE B 47 3.56 2.38 32.61
C ILE B 47 2.62 2.10 33.79
N ARG B 48 1.37 2.51 33.63
CA ARG B 48 0.35 2.26 34.63
C ARG B 48 -0.12 0.81 34.56
N PRO B 49 -0.77 0.30 35.59
CA PRO B 49 -1.29 -1.07 35.52
C PRO B 49 -2.34 -1.19 34.42
N GLY B 50 -2.41 -2.38 33.85
CA GLY B 50 -3.37 -2.70 32.80
C GLY B 50 -2.74 -3.59 31.75
N ARG B 51 -3.37 -3.66 30.58
CA ARG B 51 -2.90 -4.62 29.60
CA ARG B 51 -2.93 -4.59 29.55
C ARG B 51 -1.54 -4.25 29.03
N SER B 52 -1.21 -2.95 28.92
CA SER B 52 0.12 -2.62 28.41
C SER B 52 1.21 -3.00 29.40
N PHE B 53 0.96 -2.75 30.69
CA PHE B 53 1.82 -3.22 31.77
C PHE B 53 2.07 -4.72 31.64
N ASP B 54 0.99 -5.51 31.53
CA ASP B 54 1.13 -6.95 31.41
C ASP B 54 1.91 -7.33 30.16
N LYS B 55 1.69 -6.62 29.03
CA LYS B 55 2.40 -6.97 27.80
CA LYS B 55 2.40 -6.98 27.81
C LYS B 55 3.89 -6.65 27.91
N ALA B 56 4.24 -5.56 28.59
CA ALA B 56 5.65 -5.25 28.74
C ALA B 56 6.35 -6.34 29.53
N LYS B 57 5.68 -6.86 30.57
CA LYS B 57 6.27 -7.94 31.35
C LYS B 57 6.38 -9.21 30.53
N GLU B 58 5.35 -9.50 29.72
CA GLU B 58 5.41 -10.65 28.81
C GLU B 58 6.57 -10.55 27.85
N ASP B 59 6.95 -9.32 27.45
CA ASP B 59 8.04 -9.11 26.51
C ASP B 59 9.41 -9.05 27.19
N GLY B 60 9.48 -9.34 28.48
CA GLY B 60 10.76 -9.47 29.15
C GLY B 60 11.32 -8.23 29.78
N PHE B 61 10.51 -7.18 29.98
CA PHE B 61 11.01 -5.94 30.53
C PHE B 61 10.77 -5.86 32.03
N ASP B 62 11.60 -5.05 32.68
CA ASP B 62 11.29 -4.55 34.02
C ASP B 62 10.39 -3.33 33.87
N VAL B 63 9.33 -3.30 34.66
CA VAL B 63 8.27 -2.33 34.51
C VAL B 63 8.08 -1.59 35.84
N PHE B 64 7.83 -0.30 35.76
CA PHE B 64 7.72 0.56 36.93
C PHE B 64 6.62 1.58 36.69
N PRO B 65 6.07 2.17 37.74
CA PRO B 65 5.26 3.37 37.56
C PRO B 65 6.07 4.44 36.83
N VAL B 66 5.36 5.31 36.11
CA VAL B 66 6.01 6.36 35.33
C VAL B 66 7.02 7.13 36.17
N ALA B 67 6.62 7.56 37.36
CA ALA B 67 7.47 8.44 38.15
C ALA B 67 8.79 7.74 38.51
N GLU B 68 8.70 6.47 38.91
CA GLU B 68 9.90 5.70 39.25
C GLU B 68 10.78 5.47 38.03
N ALA B 69 10.19 5.21 36.87
CA ALA B 69 11.01 5.02 35.67
C ALA B 69 11.75 6.30 35.32
N VAL B 70 11.09 7.45 35.46
CA VAL B 70 11.74 8.74 35.18
C VAL B 70 12.89 8.97 36.14
N LYS B 71 12.68 8.72 37.43
CA LYS B 71 13.76 8.87 38.40
C LYS B 71 14.98 8.04 38.00
N GLN B 72 14.76 6.79 37.60
CA GLN B 72 15.87 5.91 37.23
C GLN B 72 16.62 6.37 35.99
N ALA B 73 15.95 7.05 35.08
CA ALA B 73 16.44 7.13 33.71
C ALA B 73 17.24 8.40 33.42
N ASP B 74 18.14 8.29 32.45
CA ASP B 74 18.82 9.44 31.88
C ASP B 74 18.11 9.98 30.64
N VAL B 75 17.44 9.11 29.90
CA VAL B 75 16.70 9.46 28.69
C VAL B 75 15.27 8.98 28.89
N ILE B 76 14.32 9.90 28.78
CA ILE B 76 12.92 9.63 29.03
C ILE B 76 12.20 9.83 27.71
N MET B 77 11.83 8.74 27.07
CA MET B 77 11.11 8.76 25.79
C MET B 77 9.63 8.64 26.06
N VAL B 78 8.86 9.68 25.70
CA VAL B 78 7.45 9.82 26.06
C VAL B 78 6.62 9.25 24.93
N LEU B 79 6.10 8.03 25.13
CA LEU B 79 5.28 7.35 24.12
C LEU B 79 3.87 7.05 24.67
N LEU B 80 3.33 8.02 25.40
CA LEU B 80 1.92 8.08 25.77
C LEU B 80 1.13 8.64 24.59
N PRO B 81 -0.19 8.47 24.57
CA PRO B 81 -1.00 9.18 23.57
C PRO B 81 -0.80 10.69 23.66
N ASP B 82 -0.82 11.37 22.52
CA ASP B 82 -0.54 12.80 22.54
C ASP B 82 -1.51 13.57 23.44
N GLU B 83 -2.77 13.14 23.51
CA GLU B 83 -3.76 13.86 24.32
C GLU B 83 -3.51 13.67 25.82
N ILE B 84 -2.79 12.62 26.19
CA ILE B 84 -2.49 12.28 27.59
C ILE B 84 -1.18 12.92 28.09
N GLN B 85 -0.28 13.31 27.18
CA GLN B 85 1.09 13.63 27.60
C GLN B 85 1.15 14.83 28.53
N GLY B 86 0.30 15.84 28.29
CA GLY B 86 0.40 17.07 29.06
C GLY B 86 0.22 16.84 30.55
N ASP B 87 -0.81 16.09 30.93
CA ASP B 87 -1.10 15.91 32.35
C ASP B 87 -0.13 14.93 32.99
N VAL B 88 0.16 13.80 32.33
CA VAL B 88 1.15 12.88 32.90
C VAL B 88 2.50 13.57 33.01
N TYR B 89 2.86 14.41 32.03
CA TYR B 89 4.12 15.16 32.15
C TYR B 89 4.10 16.04 33.40
N LYS B 90 3.03 16.82 33.58
CA LYS B 90 2.97 17.74 34.71
C LYS B 90 3.01 17.00 36.03
N ASN B 91 2.27 15.90 36.13
CA ASN B 91 2.08 15.23 37.41
C ASN B 91 3.14 14.18 37.73
N GLU B 92 3.64 13.45 36.71
CA GLU B 92 4.49 12.31 36.98
C GLU B 92 5.89 12.38 36.37
N ILE B 93 6.11 13.24 35.37
CA ILE B 93 7.43 13.31 34.77
C ILE B 93 8.21 14.52 35.29
N GLU B 94 7.66 15.72 35.10
CA GLU B 94 8.35 16.94 35.51
CA GLU B 94 8.33 16.95 35.53
C GLU B 94 8.86 16.89 36.95
N PRO B 95 8.07 16.48 37.96
CA PRO B 95 8.59 16.50 39.34
C PRO B 95 9.78 15.58 39.57
N ASN B 96 10.07 14.68 38.64
CA ASN B 96 11.11 13.68 38.82
C ASN B 96 12.27 13.82 37.85
N LEU B 97 12.25 14.84 37.00
CA LEU B 97 13.38 15.09 36.11
C LEU B 97 14.56 15.62 36.90
N GLU B 98 15.76 15.32 36.42
CA GLU B 98 16.99 15.84 36.99
C GLU B 98 17.78 16.60 35.93
N LYS B 99 18.69 17.44 36.40
CA LYS B 99 19.51 18.25 35.51
C LYS B 99 20.23 17.39 34.49
N HIS B 100 20.15 17.82 33.23
CA HIS B 100 20.79 17.20 32.07
C HIS B 100 20.26 15.81 31.74
N ASN B 101 19.11 15.43 32.32
CA ASN B 101 18.32 14.38 31.70
C ASN B 101 17.98 14.80 30.28
N ALA B 102 17.56 13.83 29.46
CA ALA B 102 17.04 14.11 28.13
C ALA B 102 15.58 13.67 28.10
N LEU B 103 14.71 14.57 27.64
CA LEU B 103 13.27 14.32 27.48
C LEU B 103 12.99 14.18 26.00
N ALA B 104 12.42 13.04 25.59
CA ALA B 104 12.34 12.73 24.17
C ALA B 104 10.90 12.39 23.79
N PHE B 105 10.61 12.61 22.49
CA PHE B 105 9.29 12.38 21.90
C PHE B 105 9.47 11.69 20.56
N ALA B 106 8.40 11.04 20.08
CA ALA B 106 8.36 10.51 18.72
C ALA B 106 7.40 11.31 17.85
N HIS B 107 6.92 12.45 18.34
CA HIS B 107 6.05 13.37 17.61
C HIS B 107 6.18 14.71 18.30
N GLY B 108 6.24 15.79 17.51
CA GLY B 108 6.46 17.11 18.09
C GLY B 108 5.25 17.82 18.70
N PHE B 109 4.09 17.18 18.68
CA PHE B 109 2.79 17.81 19.00
C PHE B 109 2.83 18.59 20.32
N ASN B 110 3.18 17.93 21.42
CA ASN B 110 3.02 18.58 22.72
C ASN B 110 4.03 19.70 22.93
N ILE B 111 5.26 19.55 22.41
CA ILE B 111 6.23 20.64 22.53
C ILE B 111 5.87 21.78 21.57
N HIS B 112 5.55 21.44 20.32
CA HIS B 112 5.31 22.48 19.34
C HIS B 112 4.08 23.33 19.70
N PHE B 113 2.99 22.70 20.10
CA PHE B 113 1.78 23.44 20.43
C PHE B 113 1.77 23.93 21.87
N GLY B 114 2.88 23.78 22.58
CA GLY B 114 3.06 24.47 23.85
C GLY B 114 2.40 23.80 25.04
N VAL B 115 1.95 22.55 24.90
CA VAL B 115 1.30 21.87 26.01
C VAL B 115 2.33 21.50 27.08
N ILE B 116 3.50 21.03 26.67
CA ILE B 116 4.59 20.71 27.57
C ILE B 116 5.65 21.80 27.43
N GLN B 117 6.03 22.41 28.54
CA GLN B 117 7.08 23.43 28.55
C GLN B 117 8.19 22.96 29.48
N PRO B 118 9.24 22.35 28.95
CA PRO B 118 10.23 21.67 29.81
C PRO B 118 11.12 22.67 30.51
N PRO B 119 11.76 22.28 31.59
CA PRO B 119 12.73 23.18 32.23
C PRO B 119 13.94 23.37 31.33
N ALA B 120 14.63 24.49 31.55
CA ALA B 120 15.73 24.86 30.67
C ALA B 120 16.95 23.95 30.79
N ASP B 121 17.03 23.12 31.83
CA ASP B 121 18.25 22.36 32.08
C ASP B 121 18.12 20.88 31.75
N VAL B 122 17.16 20.51 30.89
CA VAL B 122 17.09 19.17 30.32
C VAL B 122 17.22 19.28 28.80
N ASP B 123 17.82 18.26 28.19
CA ASP B 123 17.78 18.16 26.74
C ASP B 123 16.37 17.80 26.30
N VAL B 124 15.96 18.29 25.13
CA VAL B 124 14.65 17.93 24.55
C VAL B 124 14.86 17.59 23.08
N PHE B 125 14.49 16.38 22.68
CA PHE B 125 14.68 15.99 21.29
C PHE B 125 13.51 15.12 20.86
N LEU B 126 13.39 14.94 19.54
CA LEU B 126 12.47 13.95 19.00
C LEU B 126 13.22 13.01 18.06
N VAL B 127 12.76 11.76 18.04
CA VAL B 127 13.11 10.78 17.00
C VAL B 127 11.76 10.19 16.59
N ALA B 128 11.32 10.54 15.38
CA ALA B 128 9.97 10.26 14.91
C ALA B 128 10.02 9.29 13.75
N PRO B 129 9.72 8.00 13.96
CA PRO B 129 9.66 7.05 12.84
C PRO B 129 8.48 7.40 11.92
N LYS B 130 8.77 7.43 10.62
CA LYS B 130 7.73 7.69 9.63
C LYS B 130 7.04 6.37 9.25
N GLY B 131 6.38 5.79 10.24
CA GLY B 131 5.73 4.51 10.04
C GLY B 131 5.01 4.09 11.30
N PRO B 132 4.03 3.20 11.16
CA PRO B 132 3.32 2.69 12.34
C PRO B 132 4.21 1.80 13.20
N GLY B 133 3.99 1.86 14.52
CA GLY B 133 4.91 1.23 15.46
C GLY B 133 5.10 -0.26 15.23
N HIS B 134 4.02 -0.99 14.92
CA HIS B 134 4.20 -2.42 14.75
C HIS B 134 5.15 -2.73 13.60
N LEU B 135 5.23 -1.86 12.60
CA LEU B 135 6.16 -2.09 11.51
C LEU B 135 7.55 -1.50 11.79
N VAL B 136 7.64 -0.48 12.65
CA VAL B 136 8.94 -0.08 13.19
C VAL B 136 9.63 -1.28 13.82
N ARG B 137 8.87 -2.09 14.55
CA ARG B 137 9.42 -3.30 15.16
C ARG B 137 9.65 -4.38 14.11
N ARG B 138 8.65 -4.63 13.25
CA ARG B 138 8.77 -5.78 12.35
C ARG B 138 9.88 -5.59 11.34
N THR B 139 10.00 -4.40 10.73
CA THR B 139 11.12 -4.17 9.82
C THR B 139 12.46 -4.37 10.52
N PHE B 140 12.59 -3.89 11.76
CA PHE B 140 13.84 -4.07 12.50
C PHE B 140 14.18 -5.55 12.64
N VAL B 141 13.20 -6.35 13.05
CA VAL B 141 13.43 -7.79 13.21
C VAL B 141 13.85 -8.42 11.89
N GLU B 142 13.32 -7.90 10.78
CA GLU B 142 13.56 -8.47 9.46
C GLU B 142 14.83 -7.94 8.81
N GLY B 143 15.59 -7.07 9.47
CA GLY B 143 16.82 -6.57 8.94
C GLY B 143 16.73 -5.23 8.23
N SER B 144 15.53 -4.71 8.02
CA SER B 144 15.35 -3.39 7.43
C SER B 144 15.01 -2.39 8.53
N ALA B 145 14.34 -1.29 8.18
CA ALA B 145 13.95 -0.32 9.19
C ALA B 145 12.95 0.66 8.58
N VAL B 146 12.38 1.49 9.44
CA VAL B 146 11.51 2.60 9.04
C VAL B 146 12.32 3.89 9.11
N PRO B 147 12.34 4.70 8.04
CA PRO B 147 13.03 6.00 8.09
C PRO B 147 12.49 6.86 9.22
N SER B 148 13.36 7.70 9.79
CA SER B 148 12.95 8.53 10.92
C SER B 148 13.46 9.96 10.76
N LEU B 149 12.77 10.88 11.43
CA LEU B 149 13.24 12.25 11.58
C LEU B 149 13.78 12.42 12.99
N PHE B 150 14.77 13.30 13.13
CA PHE B 150 15.23 13.69 14.45
C PHE B 150 15.35 15.20 14.53
N GLY B 151 15.12 15.72 15.73
CA GLY B 151 15.16 17.17 15.91
C GLY B 151 15.50 17.51 17.34
N ILE B 152 16.12 18.66 17.52
CA ILE B 152 16.53 19.13 18.85
C ILE B 152 15.76 20.40 19.17
N GLN B 153 15.05 20.39 20.29
CA GLN B 153 14.39 21.62 20.78
C GLN B 153 15.28 22.37 21.76
N GLN B 154 15.98 21.64 22.65
CA GLN B 154 16.84 22.21 23.69
C GLN B 154 18.09 21.36 23.85
N ASP B 155 19.23 22.01 24.00
CA ASP B 155 20.48 21.30 24.27
C ASP B 155 21.11 21.85 25.55
N ALA B 156 20.71 21.28 26.69
CA ALA B 156 21.24 21.74 27.97
C ALA B 156 22.59 21.11 28.30
N SER B 157 22.79 19.86 27.89
CA SER B 157 24.03 19.14 28.17
C SER B 157 25.14 19.44 27.18
N GLY B 158 24.82 19.96 26.00
CA GLY B 158 25.78 20.06 24.92
C GLY B 158 25.89 18.81 24.09
N GLN B 159 25.19 17.73 24.47
CA GLN B 159 25.26 16.47 23.74
CA GLN B 159 25.23 16.42 23.84
C GLN B 159 23.92 16.05 23.16
N ALA B 160 22.93 16.95 23.15
CA ALA B 160 21.57 16.56 22.76
C ALA B 160 21.52 16.02 21.33
N ARG B 161 22.22 16.68 20.40
CA ARG B 161 22.17 16.23 19.01
C ARG B 161 22.75 14.83 18.87
N ASN B 162 23.91 14.57 19.49
CA ASN B 162 24.51 13.25 19.40
C ASN B 162 23.65 12.18 20.05
N ILE B 163 23.02 12.51 21.18
CA ILE B 163 22.13 11.57 21.83
C ILE B 163 20.97 11.21 20.90
N ALA B 164 20.37 12.24 20.28
CA ALA B 164 19.24 11.97 19.38
C ALA B 164 19.65 11.07 18.22
N LEU B 165 20.81 11.35 17.60
CA LEU B 165 21.28 10.51 16.50
C LEU B 165 21.59 9.09 16.95
N SER B 166 22.23 8.93 18.12
CA SER B 166 22.47 7.57 18.62
C SER B 166 21.15 6.88 18.97
N TYR B 167 20.15 7.63 19.43
CA TYR B 167 18.85 7.02 19.69
C TYR B 167 18.22 6.53 18.40
N ALA B 168 18.25 7.36 17.35
CA ALA B 168 17.71 6.97 16.06
C ALA B 168 18.44 5.75 15.51
N LYS B 169 19.77 5.70 15.67
CA LYS B 169 20.50 4.51 15.25
C LYS B 169 20.13 3.31 16.11
N GLY B 170 19.93 3.53 17.41
CA GLY B 170 19.62 2.45 18.32
C GLY B 170 18.28 1.79 18.06
N ILE B 171 17.32 2.54 17.50
CA ILE B 171 16.07 1.89 17.11
C ILE B 171 16.13 1.37 15.69
N GLY B 172 17.27 1.51 15.00
CA GLY B 172 17.49 0.94 13.69
C GLY B 172 17.21 1.87 12.53
N ALA B 173 16.80 3.11 12.81
CA ALA B 173 16.29 3.97 11.75
C ALA B 173 17.36 4.33 10.73
N THR B 174 18.62 4.37 11.12
CA THR B 174 19.67 4.76 10.18
C THR B 174 19.93 3.72 9.11
N ARG B 175 19.38 2.51 9.25
CA ARG B 175 19.40 1.55 8.14
C ARG B 175 18.60 2.05 6.95
N ALA B 176 17.51 2.80 7.18
CA ALA B 176 16.69 3.28 6.07
C ALA B 176 16.94 4.75 5.75
N GLY B 177 17.41 5.52 6.72
CA GLY B 177 17.65 6.94 6.51
C GLY B 177 17.03 7.79 7.60
N VAL B 178 17.80 8.77 8.09
CA VAL B 178 17.36 9.67 9.14
C VAL B 178 17.65 11.10 8.69
N ILE B 179 16.67 12.00 8.85
CA ILE B 179 16.74 13.38 8.38
C ILE B 179 16.47 14.32 9.54
N GLU B 180 17.26 15.37 9.65
CA GLU B 180 17.04 16.35 10.70
C GLU B 180 15.85 17.25 10.37
N THR B 181 15.13 17.65 11.42
CA THR B 181 13.94 18.49 11.24
C THR B 181 13.77 19.33 12.50
N THR B 182 12.71 20.15 12.52
CA THR B 182 12.35 20.91 13.71
C THR B 182 11.08 20.31 14.31
N PHE B 183 10.78 20.70 15.55
CA PHE B 183 9.52 20.26 16.15
C PHE B 183 8.33 20.80 15.36
N LYS B 184 8.44 22.01 14.81
CA LYS B 184 7.37 22.56 13.99
C LYS B 184 7.18 21.77 12.71
N GLU B 185 8.26 21.54 11.96
CA GLU B 185 8.13 20.81 10.71
C GLU B 185 7.67 19.38 10.94
N GLU B 186 8.23 18.70 11.94
CA GLU B 186 7.76 17.32 12.20
C GLU B 186 6.27 17.31 12.47
N THR B 187 5.80 18.20 13.35
CA THR B 187 4.41 18.16 13.79
C THR B 187 3.47 18.43 12.63
N GLU B 188 3.75 19.51 11.89
CA GLU B 188 2.86 19.92 10.82
C GLU B 188 2.83 18.91 9.70
N THR B 189 4.00 18.41 9.27
CA THR B 189 4.02 17.45 8.16
C THR B 189 3.47 16.10 8.57
N ASP B 190 3.65 15.71 9.83
CA ASP B 190 3.14 14.42 10.30
C ASP B 190 1.63 14.42 10.34
N LEU B 191 1.05 15.46 10.94
CA LEU B 191 -0.40 15.58 10.98
C LEU B 191 -0.97 15.66 9.56
N PHE B 192 -0.29 16.39 8.68
CA PHE B 192 -0.78 16.47 7.30
C PHE B 192 -0.77 15.12 6.60
N GLY B 193 0.37 14.41 6.68
CA GLY B 193 0.49 13.15 5.97
C GLY B 193 -0.57 12.15 6.39
N GLU B 194 -0.75 11.97 7.70
CA GLU B 194 -1.72 10.97 8.14
C GLU B 194 -3.15 11.41 7.84
N GLN B 195 -3.44 12.72 7.89
CA GLN B 195 -4.79 13.17 7.61
C GLN B 195 -5.11 13.11 6.13
N ALA B 196 -4.26 13.70 5.29
CA ALA B 196 -4.60 13.93 3.89
C ALA B 196 -4.25 12.75 2.99
N VAL B 197 -3.33 11.87 3.38
CA VAL B 197 -2.82 10.84 2.46
C VAL B 197 -2.84 9.44 3.08
N LEU B 198 -2.11 9.22 4.18
CA LEU B 198 -1.83 7.85 4.64
C LEU B 198 -3.03 7.19 5.29
N CYS B 199 -3.79 7.95 6.07
CA CYS B 199 -4.92 7.40 6.80
C CYS B 199 -6.23 7.97 6.29
N GLY B 200 -6.46 9.27 6.48
CA GLY B 200 -7.71 9.85 5.98
C GLY B 200 -7.87 9.70 4.47
N GLY B 201 -6.89 10.19 3.71
CA GLY B 201 -7.02 10.18 2.26
C GLY B 201 -7.20 8.80 1.63
N VAL B 202 -6.26 7.88 1.90
CA VAL B 202 -6.33 6.62 1.17
C VAL B 202 -7.48 5.76 1.66
N SER B 203 -7.82 5.81 2.95
N SER B 203 -7.84 5.84 2.94
CA SER B 203 -8.96 5.02 3.40
CA SER B 203 -8.96 5.03 3.43
C SER B 203 -10.25 5.52 2.75
C SER B 203 -10.28 5.53 2.85
N LYS B 204 -10.43 6.83 2.67
CA LYS B 204 -11.65 7.35 2.07
C LYS B 204 -11.65 7.12 0.56
N LEU B 205 -10.47 7.16 -0.08
CA LEU B 205 -10.38 6.79 -1.50
C LEU B 205 -10.86 5.37 -1.72
N ILE B 206 -10.29 4.44 -0.95
CA ILE B 206 -10.63 3.02 -1.09
C ILE B 206 -12.11 2.79 -0.77
N GLN B 207 -12.59 3.35 0.33
CA GLN B 207 -14.01 3.19 0.67
C GLN B 207 -14.90 3.74 -0.43
N SER B 208 -14.56 4.91 -0.97
CA SER B 208 -15.42 5.49 -2.01
C SER B 208 -15.42 4.61 -3.26
N GLY B 209 -14.29 4.01 -3.60
CA GLY B 209 -14.28 3.09 -4.73
C GLY B 209 -15.08 1.84 -4.45
N PHE B 210 -14.94 1.28 -3.23
CA PHE B 210 -15.70 0.09 -2.86
C PHE B 210 -17.19 0.37 -2.91
N GLU B 211 -17.61 1.48 -2.32
CA GLU B 211 -19.01 1.90 -2.34
C GLU B 211 -19.52 2.08 -3.77
N THR B 212 -18.72 2.73 -4.62
CA THR B 212 -19.15 2.92 -6.00
C THR B 212 -19.44 1.59 -6.68
N LEU B 213 -18.59 0.58 -6.45
CA LEU B 213 -18.78 -0.72 -7.09
C LEU B 213 -19.98 -1.46 -6.51
N VAL B 214 -20.10 -1.48 -5.19
N VAL B 214 -20.15 -1.47 -5.19
CA VAL B 214 -21.21 -2.20 -4.56
CA VAL B 214 -21.25 -2.26 -4.66
C VAL B 214 -22.53 -1.52 -4.92
C VAL B 214 -22.58 -1.53 -4.86
N GLU B 215 -22.56 -0.19 -4.89
CA GLU B 215 -23.79 0.53 -5.21
C GLU B 215 -24.23 0.27 -6.65
N ALA B 216 -23.28 -0.03 -7.54
CA ALA B 216 -23.60 -0.40 -8.91
C ALA B 216 -24.05 -1.85 -9.05
N GLY B 217 -24.04 -2.63 -7.97
CA GLY B 217 -24.49 -4.01 -8.03
C GLY B 217 -23.42 -5.06 -8.24
N TYR B 218 -22.15 -4.71 -8.19
CA TYR B 218 -21.10 -5.70 -8.38
C TYR B 218 -20.87 -6.47 -7.07
N GLN B 219 -20.26 -7.66 -7.19
CA GLN B 219 -20.08 -8.53 -6.04
C GLN B 219 -19.19 -7.86 -4.99
N PRO B 220 -19.62 -7.79 -3.72
CA PRO B 220 -18.78 -7.11 -2.71
C PRO B 220 -17.43 -7.77 -2.49
N GLU B 221 -17.35 -9.11 -2.52
CA GLU B 221 -16.05 -9.76 -2.32
C GLU B 221 -15.10 -9.38 -3.45
N LEU B 222 -15.62 -9.32 -4.67
CA LEU B 222 -14.83 -8.89 -5.81
C LEU B 222 -14.33 -7.47 -5.59
N ALA B 223 -15.22 -6.58 -5.14
CA ALA B 223 -14.86 -5.19 -4.90
C ALA B 223 -13.75 -5.08 -3.87
N TYR B 224 -13.80 -5.92 -2.83
CA TYR B 224 -12.74 -5.90 -1.82
C TYR B 224 -11.39 -6.24 -2.44
N PHE B 225 -11.33 -7.32 -3.23
CA PHE B 225 -10.09 -7.69 -3.89
C PHE B 225 -9.61 -6.59 -4.81
N GLU B 226 -10.54 -5.91 -5.49
CA GLU B 226 -10.17 -4.94 -6.51
C GLU B 226 -9.60 -3.67 -5.89
N VAL B 227 -10.29 -3.08 -4.90
CA VAL B 227 -9.90 -1.74 -4.46
C VAL B 227 -9.12 -1.71 -3.15
N LEU B 228 -9.12 -2.80 -2.36
CA LEU B 228 -8.40 -2.83 -1.10
C LEU B 228 -7.24 -3.81 -1.17
N HIS B 229 -7.51 -5.11 -1.33
CA HIS B 229 -6.44 -6.10 -1.29
C HIS B 229 -5.35 -5.76 -2.31
N GLU B 230 -5.73 -5.40 -3.54
CA GLU B 230 -4.74 -5.16 -4.58
C GLU B 230 -3.92 -3.89 -4.29
N MET B 231 -4.45 -2.97 -3.49
CA MET B 231 -3.67 -1.77 -3.19
C MET B 231 -2.29 -2.11 -2.63
N LYS B 232 -2.20 -3.11 -1.76
CA LYS B 232 -0.91 -3.50 -1.20
C LYS B 232 0.08 -3.92 -2.28
N LEU B 233 -0.42 -4.64 -3.29
CA LEU B 233 0.46 -5.12 -4.36
C LEU B 233 0.97 -3.98 -5.22
N ILE B 234 0.09 -3.04 -5.56
CA ILE B 234 0.50 -1.87 -6.35
C ILE B 234 1.46 -0.99 -5.56
N VAL B 235 1.12 -0.71 -4.29
CA VAL B 235 1.98 0.17 -3.49
C VAL B 235 3.34 -0.48 -3.21
N ASP B 236 3.39 -1.82 -3.09
CA ASP B 236 4.70 -2.47 -3.00
C ASP B 236 5.60 -2.10 -4.17
N LEU B 237 5.04 -2.08 -5.40
CA LEU B 237 5.86 -1.71 -6.55
C LEU B 237 6.31 -0.26 -6.46
N MET B 238 5.46 0.62 -5.95
CA MET B 238 5.82 2.02 -5.81
C MET B 238 6.91 2.19 -4.75
N TYR B 239 6.80 1.46 -3.65
CA TYR B 239 7.79 1.49 -2.59
C TYR B 239 9.15 1.00 -3.06
N GLU B 240 9.16 0.01 -3.95
CA GLU B 240 10.41 -0.61 -4.41
C GLU B 240 11.05 0.18 -5.53
N GLY B 241 10.27 0.85 -6.35
CA GLY B 241 10.85 1.47 -7.53
C GLY B 241 10.16 2.70 -8.06
N GLY B 242 9.30 3.32 -7.24
CA GLY B 242 8.63 4.54 -7.61
C GLY B 242 7.44 4.32 -8.54
N MET B 243 6.78 5.43 -8.88
CA MET B 243 5.66 5.29 -9.81
C MET B 243 6.09 4.75 -11.17
N GLU B 244 7.36 4.88 -11.54
CA GLU B 244 7.80 4.31 -12.82
CA GLU B 244 7.78 4.32 -12.83
C GLU B 244 7.81 2.78 -12.79
N ASN B 245 8.08 2.19 -11.62
CA ASN B 245 8.00 0.73 -11.48
C ASN B 245 6.56 0.24 -11.59
N VAL B 246 5.62 0.99 -11.02
CA VAL B 246 4.20 0.65 -11.19
C VAL B 246 3.85 0.66 -12.67
N ARG B 247 4.12 1.79 -13.34
CA ARG B 247 3.67 1.92 -14.71
C ARG B 247 4.35 0.92 -15.62
N TYR B 248 5.54 0.44 -15.26
CA TYR B 248 6.21 -0.64 -15.99
C TYR B 248 5.43 -1.97 -15.87
N SER B 249 5.03 -2.32 -14.65
N SER B 249 5.00 -2.30 -14.65
CA SER B 249 4.39 -3.60 -14.38
CA SER B 249 4.41 -3.61 -14.37
C SER B 249 2.99 -3.67 -14.98
C SER B 249 2.93 -3.70 -14.72
N ILE B 250 2.24 -2.58 -14.92
CA ILE B 250 0.82 -2.61 -15.25
C ILE B 250 0.62 -2.65 -16.76
N SER B 251 -0.60 -2.95 -17.18
CA SER B 251 -0.93 -3.05 -18.60
C SER B 251 -0.98 -1.67 -19.22
N ASN B 252 -0.85 -1.61 -20.56
CA ASN B 252 -1.06 -0.33 -21.23
C ASN B 252 -2.47 0.19 -20.98
N THR B 253 -3.44 -0.72 -20.90
CA THR B 253 -4.82 -0.33 -20.58
C THR B 253 -4.91 0.43 -19.26
N ALA B 254 -4.29 -0.12 -18.21
CA ALA B 254 -4.29 0.52 -16.89
C ALA B 254 -3.50 1.81 -16.89
N GLU B 255 -2.35 1.84 -17.57
CA GLU B 255 -1.55 3.05 -17.60
C GLU B 255 -2.30 4.17 -18.29
N PHE B 256 -2.95 3.88 -19.43
CA PHE B 256 -3.76 4.90 -20.09
C PHE B 256 -4.91 5.32 -19.18
N GLY B 257 -5.56 4.35 -18.54
CA GLY B 257 -6.63 4.68 -17.61
C GLY B 257 -6.17 5.57 -16.46
N ASP B 258 -4.97 5.31 -15.93
CA ASP B 258 -4.37 6.16 -14.92
C ASP B 258 -4.32 7.61 -15.40
N TYR B 259 -3.78 7.81 -16.61
CA TYR B 259 -3.58 9.19 -17.09
C TYR B 259 -4.89 9.89 -17.39
N VAL B 260 -5.90 9.17 -17.91
CA VAL B 260 -7.11 9.86 -18.34
C VAL B 260 -8.10 9.98 -17.20
N SER B 261 -8.13 9.01 -16.27
CA SER B 261 -9.13 9.03 -15.22
C SER B 261 -8.60 9.45 -13.85
N GLY B 262 -7.31 9.26 -13.57
CA GLY B 262 -6.74 9.74 -12.32
C GLY B 262 -7.11 11.20 -12.01
N PRO B 263 -6.86 12.10 -12.98
CA PRO B 263 -7.19 13.52 -12.75
C PRO B 263 -8.67 13.82 -12.77
N ARG B 264 -9.53 12.92 -13.27
CA ARG B 264 -10.98 13.11 -13.14
C ARG B 264 -11.43 12.84 -11.72
N VAL B 265 -10.74 11.94 -11.01
CA VAL B 265 -11.09 11.63 -9.64
C VAL B 265 -10.40 12.57 -8.65
N ILE B 266 -9.08 12.66 -8.74
CA ILE B 266 -8.30 13.54 -7.90
C ILE B 266 -8.08 14.81 -8.72
N THR B 267 -9.05 15.71 -8.65
CA THR B 267 -9.07 16.95 -9.43
C THR B 267 -8.21 18.00 -8.75
N PRO B 268 -8.01 19.16 -9.40
CA PRO B 268 -7.37 20.28 -8.69
C PRO B 268 -8.07 20.67 -7.39
N ASP B 269 -9.39 20.44 -7.30
CA ASP B 269 -10.12 20.74 -6.06
C ASP B 269 -9.57 19.92 -4.90
N VAL B 270 -9.17 18.68 -5.17
CA VAL B 270 -8.67 17.83 -4.09
C VAL B 270 -7.37 18.37 -3.54
N LYS B 271 -6.48 18.83 -4.42
CA LYS B 271 -5.26 19.46 -3.93
C LYS B 271 -5.57 20.72 -3.11
N GLU B 272 -6.56 21.52 -3.54
CA GLU B 272 -6.96 22.65 -2.71
CA GLU B 272 -6.99 22.64 -2.72
C GLU B 272 -7.54 22.17 -1.38
N ASN B 273 -8.26 21.04 -1.37
CA ASN B 273 -8.75 20.48 -0.11
C ASN B 273 -7.59 20.14 0.82
N MET B 274 -6.51 19.59 0.26
CA MET B 274 -5.34 19.27 1.07
C MET B 274 -4.73 20.53 1.66
N LYS B 275 -4.67 21.61 0.88
CA LYS B 275 -4.11 22.84 1.44
CA LYS B 275 -4.13 22.88 1.39
C LYS B 275 -4.97 23.38 2.56
N ALA B 276 -6.30 23.20 2.49
CA ALA B 276 -7.14 23.62 3.60
C ALA B 276 -6.88 22.78 4.84
N VAL B 277 -6.68 21.47 4.65
CA VAL B 277 -6.32 20.62 5.78
C VAL B 277 -4.99 21.06 6.40
N LEU B 278 -4.01 21.37 5.55
CA LEU B 278 -2.72 21.83 6.06
C LEU B 278 -2.87 23.14 6.84
N THR B 279 -3.63 24.08 6.31
CA THR B 279 -3.84 25.35 6.98
C THR B 279 -4.42 25.15 8.38
N ASP B 280 -5.38 24.24 8.53
CA ASP B 280 -5.98 24.04 9.86
C ASP B 280 -5.09 23.23 10.80
N ILE B 281 -4.03 22.60 10.28
CA ILE B 281 -2.98 22.06 11.15
C ILE B 281 -2.07 23.20 11.61
N GLN B 282 -1.62 24.02 10.66
CA GLN B 282 -0.64 25.06 10.96
C GLN B 282 -1.17 26.07 11.97
N ASN B 283 -2.46 26.42 11.86
CA ASN B 283 -3.01 27.50 12.68
C ASN B 283 -3.52 27.02 14.02
N GLY B 284 -3.32 25.75 14.34
CA GLY B 284 -3.74 25.20 15.61
C GLY B 284 -5.16 24.72 15.67
N ASN B 285 -5.94 24.85 14.58
CA ASN B 285 -7.35 24.45 14.67
C ASN B 285 -7.48 22.96 14.91
N PHE B 286 -6.66 22.14 14.25
CA PHE B 286 -6.81 20.70 14.42
C PHE B 286 -6.46 20.27 15.83
N SER B 287 -5.29 20.71 16.31
CA SER B 287 -4.84 20.31 17.64
C SER B 287 -5.78 20.83 18.71
N ASN B 288 -6.32 22.04 18.53
CA ASN B 288 -7.32 22.56 19.47
C ASN B 288 -8.56 21.66 19.50
N ARG B 289 -9.06 21.27 18.33
CA ARG B 289 -10.24 20.40 18.26
C ARG B 289 -9.98 19.06 18.94
N PHE B 290 -8.83 18.45 18.66
CA PHE B 290 -8.49 17.15 19.23
C PHE B 290 -8.40 17.22 20.75
N ILE B 291 -7.64 18.21 21.26
CA ILE B 291 -7.46 18.27 22.70
CA ILE B 291 -7.43 18.38 22.70
C ILE B 291 -8.77 18.64 23.40
N GLU B 292 -9.55 19.56 22.82
CA GLU B 292 -10.84 19.87 23.41
C GLU B 292 -11.77 18.67 23.41
N ASP B 293 -11.78 17.87 22.33
CA ASP B 293 -12.62 16.69 22.36
C ASP B 293 -12.20 15.72 23.46
N ASN B 294 -10.88 15.51 23.62
CA ASN B 294 -10.40 14.63 24.69
C ASN B 294 -10.86 15.14 26.06
N LYS B 295 -10.76 16.45 26.29
CA LYS B 295 -11.18 17.00 27.56
CA LYS B 295 -11.18 17.03 27.55
C LYS B 295 -12.67 16.83 27.77
N ASN B 296 -13.45 16.73 26.69
CA ASN B 296 -14.88 16.47 26.75
C ASN B 296 -15.20 14.97 26.64
N GLY B 297 -14.28 14.09 27.05
CA GLY B 297 -14.54 12.66 27.04
C GLY B 297 -14.43 11.96 25.69
N PHE B 298 -13.82 12.62 24.68
CA PHE B 298 -13.67 12.03 23.34
C PHE B 298 -15.03 11.67 22.73
N LYS B 299 -16.03 12.49 23.02
CA LYS B 299 -17.38 12.26 22.49
C LYS B 299 -17.38 12.21 20.97
N GLU B 300 -16.71 13.19 20.32
CA GLU B 300 -16.70 13.21 18.86
C GLU B 300 -15.86 12.06 18.31
N PHE B 301 -14.68 11.83 18.89
CA PHE B 301 -13.79 10.77 18.44
C PHE B 301 -14.50 9.42 18.45
N TYR B 302 -15.15 9.09 19.57
CA TYR B 302 -15.75 7.76 19.69
C TYR B 302 -16.95 7.62 18.76
N LYS B 303 -17.67 8.71 18.52
CA LYS B 303 -18.75 8.70 17.54
C LYS B 303 -18.22 8.47 16.13
N LEU B 304 -17.16 9.18 15.73
CA LEU B 304 -16.62 8.96 14.39
C LEU B 304 -16.03 7.57 14.23
N ARG B 305 -15.46 7.03 15.30
CA ARG B 305 -14.96 5.66 15.26
C ARG B 305 -16.09 4.67 15.05
N GLU B 306 -17.19 4.86 15.78
CA GLU B 306 -18.32 3.93 15.67
C GLU B 306 -18.89 3.92 14.26
N GLU B 307 -19.00 5.11 13.66
CA GLU B 307 -19.51 5.21 12.30
C GLU B 307 -18.67 4.39 11.32
N GLN B 308 -17.35 4.47 11.44
CA GLN B 308 -16.50 3.73 10.51
C GLN B 308 -16.51 2.23 10.78
N HIS B 309 -16.77 1.82 12.02
CA HIS B 309 -16.68 0.41 12.38
C HIS B 309 -17.71 -0.45 11.64
N GLY B 310 -18.88 0.09 11.37
CA GLY B 310 -19.89 -0.71 10.72
C GLY B 310 -19.82 -0.84 9.22
N HIS B 311 -18.84 -0.22 8.56
CA HIS B 311 -18.74 -0.22 7.10
C HIS B 311 -18.77 -1.65 6.55
N GLN B 312 -19.51 -1.83 5.45
CA GLN B 312 -19.58 -3.13 4.77
C GLN B 312 -18.19 -3.68 4.43
N ILE B 313 -17.25 -2.80 4.08
CA ILE B 313 -15.94 -3.28 3.63
C ILE B 313 -15.23 -4.02 4.74
N GLU B 314 -15.46 -3.64 5.99
CA GLU B 314 -14.73 -4.29 7.07
C GLU B 314 -15.26 -5.70 7.33
N LYS B 315 -16.57 -5.91 7.16
CA LYS B 315 -17.14 -7.24 7.35
C LYS B 315 -16.71 -8.17 6.22
N VAL B 316 -16.83 -7.72 4.98
CA VAL B 316 -16.41 -8.52 3.83
C VAL B 316 -14.95 -8.88 3.93
N GLY B 317 -14.10 -7.92 4.32
CA GLY B 317 -12.68 -8.20 4.38
C GLY B 317 -12.32 -9.26 5.42
N ARG B 318 -12.99 -9.19 6.57
CA ARG B 318 -12.70 -10.14 7.64
C ARG B 318 -12.92 -11.57 7.16
N GLU B 319 -13.98 -11.80 6.41
CA GLU B 319 -14.30 -13.15 5.93
C GLU B 319 -13.31 -13.64 4.89
N LEU B 320 -12.91 -12.77 3.96
CA LEU B 320 -11.93 -13.18 2.97
C LEU B 320 -10.55 -13.42 3.59
N ARG B 321 -10.12 -12.54 4.49
CA ARG B 321 -8.77 -12.64 5.04
C ARG B 321 -8.60 -13.89 5.88
N GLU B 322 -9.66 -14.34 6.55
CA GLU B 322 -9.49 -15.47 7.46
C GLU B 322 -9.23 -16.77 6.71
N MET B 323 -9.53 -16.83 5.41
CA MET B 323 -9.26 -18.02 4.61
C MET B 323 -7.93 -17.96 3.87
N MET B 324 -7.13 -16.89 4.03
CA MET B 324 -5.83 -16.83 3.39
C MET B 324 -4.76 -17.34 4.36
N PRO B 325 -4.22 -18.54 4.15
CA PRO B 325 -3.25 -19.09 5.12
C PRO B 325 -2.09 -18.16 5.41
N PHE B 326 -1.65 -17.40 4.41
CA PHE B 326 -0.50 -16.51 4.56
C PHE B 326 -0.86 -15.20 5.26
N ILE B 327 -2.14 -14.93 5.47
CA ILE B 327 -2.62 -13.70 6.10
C ILE B 327 -3.33 -14.04 7.41
C02 9TY C . 0.44 7.91 13.59
C03 9TY C . 1.16 7.58 12.27
C04 9TY C . 2.29 8.50 11.81
C07 9TY C . 0.30 6.93 11.18
C08 9TY C . 1.32 6.08 11.94
O01 9TY C . 0.44 9.07 14.11
O05 9TY C . 3.01 8.12 10.84
O06 9TY C . 2.48 9.62 12.38
O09 9TY C . -0.18 6.96 14.12
MG MG D . -7.13 -5.63 -12.31
MG MG E . -6.46 -4.18 -15.64
MG MG F . -4.26 -26.42 -30.76
MG MG G . -0.29 -29.27 -9.91
PA NDP H . 2.45 -6.77 -21.59
PA NDP H . 2.60 -6.71 -21.65
O1A NDP H . 3.19 -7.09 -20.35
O1A NDP H . 3.24 -6.61 -20.31
O2A NDP H . 2.24 -5.32 -21.99
O2A NDP H . 2.60 -5.51 -22.56
O5B NDP H . 3.38 -7.48 -22.74
O5B NDP H . 3.18 -8.04 -22.40
C5B NDP H . 2.56 -8.21 -23.54
C5B NDP H . 3.39 -7.68 -23.73
C4B NDP H . 3.38 -9.29 -24.33
C4B NDP H . 3.77 -8.96 -24.46
O4B NDP H . 2.83 -9.37 -25.64
O4B NDP H . 3.13 -8.93 -25.70
C3B NDP H . 4.94 -9.02 -24.47
C3B NDP H . 5.31 -9.05 -24.67
O3B NDP H . 5.66 -10.23 -24.24
O3B NDP H . 5.70 -10.40 -24.67
C2B NDP H . 5.10 -8.65 -25.97
C2B NDP H . 5.48 -8.49 -26.08
O2B NDP H . 6.22 -9.13 -26.55
O2B NDP H . 6.46 -9.08 -26.79
C1B NDP H . 3.96 -9.50 -26.55
C1B NDP H . 4.11 -8.93 -26.70
N9A NDP H . 3.51 -9.05 -27.87
N9A NDP H . 3.70 -7.93 -27.65
C8A NDP H . 3.20 -7.75 -28.28
C8A NDP H . 3.61 -6.56 -27.44
N7A NDP H . 2.81 -7.70 -29.58
N7A NDP H . 3.20 -5.90 -28.51
C5A NDP H . 2.90 -9.04 -30.00
C5A NDP H . 3.02 -6.87 -29.47
C6A NDP H . 2.64 -9.65 -31.22
C6A NDP H . 2.59 -6.81 -30.80
N6A NDP H . 2.21 -8.92 -32.30
N6A NDP H . 2.28 -5.56 -31.34
N1A NDP H . 2.81 -11.00 -31.37
N1A NDP H . 2.48 -7.92 -31.56
C2A NDP H . 3.26 -11.71 -30.26
C2A NDP H . 2.81 -9.10 -30.94
N3A NDP H . 3.53 -11.25 -29.05
N3A NDP H . 3.23 -9.34 -29.68
C4A NDP H . 3.34 -9.89 -28.94
C4A NDP H . 3.32 -8.17 -28.95
O3 NDP H . 0.97 -7.53 -21.46
O3 NDP H . 1.00 -7.05 -21.36
PN NDP H . 0.24 -7.53 -20.00
PN NDP H . 0.63 -7.34 -19.82
O1N NDP H . 0.66 -8.72 -19.24
O1N NDP H . 1.15 -8.64 -19.38
O2N NDP H . 0.20 -6.18 -19.34
O2N NDP H . 0.62 -6.10 -18.97
O5D NDP H . -1.40 -7.71 -20.44
O5D NDP H . -1.08 -7.63 -19.95
C5D NDP H . -1.70 -9.02 -20.84
C5D NDP H . -1.37 -8.73 -20.76
C4D NDP H . -3.17 -9.29 -20.49
C4D NDP H . -2.83 -9.19 -20.46
O4D NDP H . -3.25 -9.42 -19.08
O4D NDP H . -2.99 -9.38 -19.05
C3D NDP H . -4.11 -8.07 -20.85
C3D NDP H . -3.90 -8.09 -20.87
O3D NDP H . -5.38 -8.57 -21.30
O3D NDP H . -5.09 -8.75 -21.25
C2D NDP H . -4.20 -7.30 -19.49
C2D NDP H . -4.08 -7.33 -19.53
O2D NDP H . -5.39 -6.58 -19.29
O2D NDP H . -5.30 -6.68 -19.38
C1D NDP H . -4.21 -8.52 -18.54
C1D NDP H . -4.05 -8.54 -18.58
N1N NDP H . -3.74 -8.21 -17.19
N1N NDP H . -3.72 -8.17 -17.20
C2N NDP H . -2.54 -7.57 -16.92
C2N NDP H . -2.53 -7.54 -16.88
C3N NDP H . -2.20 -7.30 -15.61
C3N NDP H . -2.29 -7.18 -15.58
C7N NDP H . -0.89 -6.78 -15.31
C7N NDP H . -0.99 -6.65 -15.26
O7N NDP H . -0.33 -7.04 -14.24
O7N NDP H . -0.56 -6.66 -14.09
N7N NDP H . -0.17 -6.07 -16.26
N7N NDP H . -0.16 -6.18 -16.26
C4N NDP H . -3.15 -7.58 -14.46
C4N NDP H . -3.32 -7.34 -14.50
C5N NDP H . -4.14 -8.62 -14.85
C5N NDP H . -4.37 -8.30 -14.90
C6N NDP H . -4.40 -8.87 -16.12
C6N NDP H . -4.55 -8.64 -16.17
P2B NDP H . 7.45 -7.97 -27.19
P2B NDP H . 7.85 -7.99 -27.21
O1X NDP H . 8.28 -7.85 -25.94
O1X NDP H . 8.90 -8.47 -26.25
O2X NDP H . 6.65 -6.73 -27.59
O2X NDP H . 7.28 -6.59 -26.94
O3X NDP H . 8.01 -8.81 -28.30
O3X NDP H . 7.99 -8.40 -28.65
C02 9TY I . -5.03 -4.74 -13.04
C03 9TY I . -3.73 -4.06 -13.46
C04 9TY I . -3.48 -3.83 -14.94
C07 9TY I . -2.51 -4.38 -12.58
C08 9TY I . -3.17 -3.00 -12.52
O01 9TY I . -5.16 -5.10 -11.84
O05 9TY I . -4.41 -3.88 -15.81
O06 9TY I . -2.28 -3.60 -15.23
O09 9TY I . -5.95 -4.95 -13.88
MG MG J . 3.85 10.08 10.94
MG MG K . 1.37 10.85 13.57
PA NDP L . -0.66 4.16 22.05
O1A NDP L . -0.42 3.00 21.12
O2A NDP L . -2.02 4.75 22.21
O5B NDP L . -0.09 3.59 23.48
C5B NDP L . -0.17 4.57 24.47
C4B NDP L . 0.47 3.91 25.75
O4B NDP L . 0.45 4.83 26.84
C3B NDP L . -0.25 2.60 26.19
O3B NDP L . 0.74 1.65 26.65
C2B NDP L . -1.06 3.06 27.41
O2B NDP L . -1.25 2.06 28.38
C1B NDP L . -0.04 4.07 27.97
N9A NDP L . -0.70 5.03 28.84
C8A NDP L . -1.88 5.71 28.62
N7A NDP L . -2.22 6.53 29.66
C5A NDP L . -1.20 6.33 30.59
C6A NDP L . -0.97 6.87 31.88
N6A NDP L . -1.85 7.80 32.45
N1A NDP L . 0.13 6.51 32.58
C2A NDP L . 0.96 5.61 31.99
N3A NDP L . 0.88 5.00 30.80
C4A NDP L . -0.24 5.40 30.10
O3 NDP L . 0.38 5.40 21.70
PN NDP L . 1.13 5.48 20.27
O1N NDP L . 2.32 4.59 20.28
O2N NDP L . 0.18 5.50 19.11
O5D NDP L . 1.66 7.04 20.32
C5D NDP L . 2.69 7.34 21.23
C4D NDP L . 3.53 8.51 20.64
O4D NDP L . 4.15 8.12 19.35
C3D NDP L . 2.63 9.75 20.30
O3D NDP L . 3.37 10.92 20.54
C2D NDP L . 2.37 9.53 18.76
O2D NDP L . 2.13 10.71 18.00
C1D NDP L . 3.76 9.01 18.34
N1N NDP L . 3.75 8.24 17.12
C2N NDP L . 2.91 7.14 16.96
C3N NDP L . 2.95 6.46 15.78
C7N NDP L . 2.25 5.21 15.68
O7N NDP L . 2.69 4.35 14.91
N7N NDP L . 1.15 4.91 16.45
C4N NDP L . 3.76 6.94 14.62
C5N NDP L . 4.91 7.77 15.08
C6N NDP L . 4.85 8.40 16.25
P2B NDP L . -2.87 1.41 28.51
O1X NDP L . -3.74 2.53 28.01
O2X NDP L . -2.82 0.16 27.63
O3X NDP L . -2.89 1.19 30.00
#